data_6M0W
#
_entry.id   6M0W
#
_cell.length_a   321.708
_cell.length_b   75.333
_cell.length_c   70.300
_cell.angle_alpha   90.000
_cell.angle_beta   93.470
_cell.angle_gamma   90.000
#
_symmetry.space_group_name_H-M   'C 1 2 1'
#
loop_
_entity.id
_entity.type
_entity.pdbx_description
1 polymer 'RNA (72-MER)'
2 polymer 'DNA (28-MER)'
3 polymer "DNA (5'-D(*AP*AP*AP*GP*AP*AP*GP*C)-3')"
4 polymer 'CRISPR-associated endonuclease Cas9 1'
5 non-polymer 'MAGNESIUM ION'
6 water water
#
loop_
_entity_poly.entity_id
_entity_poly.type
_entity_poly.pdbx_seq_one_letter_code
_entity_poly.pdbx_strand_id
1 'polyribonucleotide' GGGUGCUAAGAUUAAUCAGGAUGUUUUUGUACUCGAAAGAAGCUACAAAGAUAAGGCUUCAUGCCGAAAUCA B
2 'polydeoxyribonucleotide'
;(DG)(DC)(DT)(DT)(DC)(DT)(DT)(DT)(DA)(DT)(DC)(DC)(DT)(DG)(DA)(DT)(DT)(DA)(DA)(DT)
(DC)(DT)(DT)(DA)(DG)(DC)(DA)(DC)
;
C
3 'polydeoxyribonucleotide' (DA)(DA)(DA)(DG)(DA)(DA)(DG)(DC) D
4 'polypeptide(L)'
;MGSDLVLGLDIGIGSVGVGILNKVTGEIIHKNSRIFPAAQAENNLVRRTNRQGRRLARRKKHRRVRLNRLFEESGLITDF
TKISINLNPYQLRVKGLTDELSNEELFIALKNMVKHRGISYLDDASDDGNSSVGDYAQIVKENSKQLETKTPGQIQLERY
QTYGQLRGDFTVEKDGKKHRLINVFPTSAYRSEALRILQTQQEFNPQITDEFINRYLEILTGKRKYYHGPGNEKSRTDYG
RYRTSGETLDNIFGILIGKCTFYPDEFRAAKASYTAQEFNLLNDLNNLTVPTETKKLSKEQKNQIINYVKNEKAMGPAKL
FKYIAKLLSCDVADIKGYRIDKSGKAEIHTFEAYRKMKTLETLDIEQMDRETLDKLAYVLTLNTEREGIQEALEHEFADG
SFSQKQVDELVQFRKANSSIFGKGWHNFSVKLMMELIPELYETSEEQMTILTRLGKQKTTSSSNKTKYIDEKLLTEEIYN
PVVAKSVRQAIKIVNAAIKEYGDFDNIVIEMARETNEDDEKKAIQKIQKANKDEKDAAMLKAANQYNGKAELPHSVFHGH
KQLATKIRLWHQQGERCLYTGKTISIHDLINNSNQFEVDAILPLSITFDDSLANKVLVYATANQEKGQRTPYQALDSMDD
AWSFRELKAFVRESKTLSNKKKEYLLTEEDISKFDVRKKFIERNLVDTRYASRVVLNALQEHFRAHKIDTKVSVVRGQFT
SQLRRHWGIEKTRDTYHHHAVDALIIAASSQLNLWKKQKNTLVSYSEDQLLDIETGELISDDEYKESVFKAPYQHFVDTL
KSKEFEDSILFSYQVDSKFNRKISDATIYATRQAKVGKDKADETYVLGKIKDIYTQDGYDAFMKIYKKDKSKFLMYRHDP
QTFEKVIEPILENYPNKQINEKGKEVPCNPFLKYKEEHGYIRKYSKKGNGPEIKSLKYYDSKLGNHIDITPKDSNNKVVL
QSVSPWRADVYFNKTTGKYEILGLKYADLQFEKGTGTYKISQEKYNDIKKKEGVDSDSEFKFTLYKNDLLLVKDTETKEQ
QLFRFLSRTMPKQKHYVELKPYDKQKFEGGEALIKVLGNVANSGQCKKGLGKSNISIYKVRTDVLGNQHIIKNEGDKPKL
DF
;
A
#
# COMPACT_ATOMS: atom_id res chain seq x y z
N MET D 1 -28.79 29.03 -18.91
CA MET D 1 -29.04 29.09 -17.48
C MET D 1 -29.10 30.54 -16.99
N GLY D 2 -28.73 30.74 -15.74
CA GLY D 2 -28.85 32.04 -15.10
C GLY D 2 -27.86 33.09 -15.54
N SER D 3 -26.56 32.80 -15.40
CA SER D 3 -25.50 33.76 -15.70
C SER D 3 -24.67 33.27 -16.88
N ASP D 4 -23.51 33.89 -17.09
CA ASP D 4 -22.77 33.79 -18.35
C ASP D 4 -21.41 33.09 -18.21
N LEU D 5 -21.13 32.44 -17.09
CA LEU D 5 -19.77 32.04 -16.77
C LEU D 5 -19.64 30.53 -16.58
N VAL D 6 -18.66 29.94 -17.26
CA VAL D 6 -18.43 28.49 -17.27
C VAL D 6 -17.12 28.20 -16.54
N LEU D 7 -17.19 27.34 -15.52
CA LEU D 7 -16.00 26.96 -14.76
C LEU D 7 -15.48 25.63 -15.29
N GLY D 8 -14.16 25.53 -15.38
CA GLY D 8 -13.50 24.28 -15.77
C GLY D 8 -12.64 23.76 -14.64
N LEU D 9 -12.61 22.43 -14.50
CA LEU D 9 -11.83 21.76 -13.48
C LEU D 9 -10.96 20.69 -14.11
N ASP D 10 -9.66 20.72 -13.80
CA ASP D 10 -8.73 19.63 -14.13
C ASP D 10 -8.30 19.01 -12.81
N ILE D 11 -8.93 17.89 -12.45
CA ILE D 11 -8.74 17.28 -11.15
C ILE D 11 -7.65 16.23 -11.25
N GLY D 12 -6.66 16.32 -10.37
CA GLY D 12 -5.62 15.33 -10.28
C GLY D 12 -5.50 14.80 -8.87
N ILE D 13 -4.47 14.01 -8.59
CA ILE D 13 -4.30 13.49 -7.23
C ILE D 13 -3.64 14.48 -6.30
N GLY D 14 -2.87 15.44 -6.83
CA GLY D 14 -2.23 16.42 -5.99
C GLY D 14 -2.53 17.84 -6.41
N SER D 15 -3.47 18.00 -7.34
CA SER D 15 -3.79 19.34 -7.84
C SER D 15 -5.18 19.34 -8.45
N VAL D 16 -5.81 20.51 -8.41
CA VAL D 16 -7.04 20.78 -9.15
C VAL D 16 -6.88 22.13 -9.83
N GLY D 17 -6.90 22.14 -11.17
CA GLY D 17 -6.82 23.39 -11.90
C GLY D 17 -8.18 24.05 -12.01
N VAL D 18 -8.19 25.37 -11.89
CA VAL D 18 -9.43 26.15 -11.85
C VAL D 18 -9.36 27.23 -12.93
N GLY D 19 -10.53 27.55 -13.50
CA GLY D 19 -10.61 28.58 -14.53
C GLY D 19 -12.02 28.94 -14.96
N ILE D 20 -12.33 30.24 -14.99
CA ILE D 20 -13.66 30.76 -15.28
C ILE D 20 -13.58 31.70 -16.48
N LEU D 21 -14.69 31.84 -17.21
CA LEU D 21 -14.72 32.74 -18.37
C LEU D 21 -16.16 32.99 -18.80
N ASN D 22 -16.36 34.13 -19.49
CA ASN D 22 -17.65 34.48 -20.07
C ASN D 22 -17.88 33.66 -21.35
N LYS D 23 -18.99 32.93 -21.40
CA LYS D 23 -19.38 32.25 -22.63
C LYS D 23 -19.49 33.24 -23.78
N VAL D 24 -19.96 34.45 -23.50
CA VAL D 24 -20.27 35.43 -24.54
C VAL D 24 -19.06 36.29 -24.86
N THR D 25 -18.44 36.91 -23.86
CA THR D 25 -17.38 37.88 -24.14
C THR D 25 -16.06 37.20 -24.46
N GLY D 26 -15.75 36.09 -23.78
CA GLY D 26 -14.47 35.43 -23.93
C GLY D 26 -13.41 35.89 -22.95
N GLU D 27 -13.70 36.91 -22.14
CA GLU D 27 -12.80 37.30 -21.07
C GLU D 27 -12.58 36.15 -20.10
N ILE D 28 -11.36 36.06 -19.58
CA ILE D 28 -11.02 35.07 -18.56
C ILE D 28 -11.16 35.74 -17.19
N ILE D 29 -12.10 35.23 -16.40
CA ILE D 29 -12.45 35.90 -15.15
C ILE D 29 -11.54 35.49 -13.99
N HIS D 30 -11.09 34.23 -13.97
CA HIS D 30 -10.30 33.74 -12.86
C HIS D 30 -9.49 32.53 -13.30
N LYS D 31 -8.25 32.45 -12.84
CA LYS D 31 -7.37 31.32 -13.13
C LYS D 31 -6.60 30.96 -11.86
N ASN D 32 -6.32 29.68 -11.69
CA ASN D 32 -5.99 29.16 -10.37
C ASN D 32 -5.35 27.79 -10.49
N SER D 33 -4.40 27.52 -9.60
CA SER D 33 -3.88 26.18 -9.37
C SER D 33 -3.91 25.91 -7.87
N ARG D 34 -4.60 24.85 -7.48
CA ARG D 34 -4.67 24.40 -6.10
C ARG D 34 -3.84 23.14 -5.95
N ILE D 35 -2.93 23.13 -4.97
CA ILE D 35 -1.93 22.08 -4.87
C ILE D 35 -1.93 21.49 -3.46
N PHE D 36 -1.89 20.16 -3.38
CA PHE D 36 -1.95 19.44 -2.11
C PHE D 36 -1.24 18.11 -2.31
N PRO D 37 0.11 18.11 -2.22
CA PRO D 37 0.90 16.94 -2.66
C PRO D 37 0.36 15.59 -2.21
N ALA D 38 0.04 14.73 -3.18
CA ALA D 38 -0.50 13.41 -2.87
C ALA D 38 0.47 12.54 -2.10
N ALA D 39 1.75 12.93 -2.02
CA ALA D 39 2.76 12.09 -1.37
C ALA D 39 2.38 11.73 0.06
N GLN D 40 1.60 12.58 0.72
CA GLN D 40 1.29 12.35 2.13
C GLN D 40 0.20 11.30 2.33
N ALA D 41 -0.76 11.22 1.41
CA ALA D 41 -1.83 10.23 1.55
C ALA D 41 -1.40 8.86 1.03
N GLU D 42 -0.57 8.81 -0.02
CA GLU D 42 -0.01 7.53 -0.43
C GLU D 42 0.92 6.95 0.62
N ASN D 43 1.36 7.76 1.58
CA ASN D 43 2.11 7.25 2.73
C ASN D 43 1.31 6.30 3.60
N ASN D 44 -0.01 6.18 3.39
CA ASN D 44 -0.79 5.31 4.26
C ASN D 44 -0.41 3.84 4.06
N LEU D 45 0.11 3.51 2.88
CA LEU D 45 0.75 2.20 2.71
C LEU D 45 1.90 2.04 3.69
N VAL D 46 2.74 3.07 3.84
CA VAL D 46 3.75 3.05 4.89
C VAL D 46 3.07 2.87 6.24
N ARG D 47 1.96 3.59 6.42
CA ARG D 47 1.19 3.58 7.68
C ARG D 47 0.57 2.23 8.07
N ARG D 48 -0.06 1.55 7.12
CA ARG D 48 -0.59 0.22 7.39
C ARG D 48 0.53 -0.75 7.68
N THR D 49 1.54 -0.79 6.79
CA THR D 49 2.64 -1.72 6.92
C THR D 49 3.30 -1.64 8.28
N ASN D 50 3.51 -0.42 8.79
CA ASN D 50 4.13 -0.30 10.11
C ASN D 50 3.16 -0.66 11.22
N ARG D 51 1.88 -0.33 11.07
CA ARG D 51 0.92 -0.72 12.09
C ARG D 51 0.82 -2.23 12.21
N GLN D 52 0.78 -2.93 11.08
CA GLN D 52 0.71 -4.38 11.12
C GLN D 52 2.02 -4.97 11.63
N GLY D 53 3.15 -4.40 11.22
CA GLY D 53 4.43 -4.85 11.76
C GLY D 53 4.53 -4.65 13.25
N ARG D 54 3.97 -3.54 13.76
CA ARG D 54 3.95 -3.32 15.19
C ARG D 54 3.14 -4.37 15.93
N ARG D 55 2.13 -4.94 15.28
CA ARG D 55 1.31 -5.95 15.96
C ARG D 55 1.99 -7.31 16.00
N LEU D 56 2.66 -7.71 14.92
CA LEU D 56 3.41 -8.97 14.94
C LEU D 56 4.49 -8.95 16.01
N ALA D 57 5.23 -7.84 16.12
CA ALA D 57 6.26 -7.74 17.14
C ALA D 57 5.66 -7.68 18.53
N ARG D 58 4.57 -6.93 18.69
CA ARG D 58 3.91 -6.87 19.99
C ARG D 58 3.46 -8.25 20.45
N ARG D 59 2.93 -9.06 19.54
CA ARG D 59 2.42 -10.37 19.92
C ARG D 59 3.53 -11.40 20.06
N LYS D 60 4.61 -11.27 19.28
CA LYS D 60 5.76 -12.12 19.54
C LYS D 60 6.37 -11.82 20.90
N LYS D 61 6.50 -10.54 21.24
CA LYS D 61 6.94 -10.20 22.59
C LYS D 61 5.95 -10.70 23.62
N HIS D 62 4.65 -10.55 23.36
CA HIS D 62 3.67 -10.98 24.35
C HIS D 62 3.63 -12.49 24.47
N ARG D 63 3.99 -13.21 23.41
CA ARG D 63 4.07 -14.66 23.48
C ARG D 63 5.01 -15.12 24.59
N ARG D 64 6.10 -14.38 24.83
CA ARG D 64 7.02 -14.76 25.90
C ARG D 64 6.66 -14.15 27.24
N VAL D 65 5.99 -13.00 27.25
CA VAL D 65 5.38 -12.52 28.49
C VAL D 65 4.32 -13.51 28.97
N ARG D 66 3.56 -14.03 28.03
CA ARG D 66 2.56 -15.00 28.37
C ARG D 66 3.20 -16.24 28.92
N LEU D 67 4.29 -16.67 28.33
CA LEU D 67 4.97 -17.86 28.82
C LEU D 67 5.59 -17.65 30.21
N ASN D 68 5.97 -16.41 30.51
CA ASN D 68 6.46 -16.12 31.86
C ASN D 68 5.39 -16.42 32.91
N ARG D 69 4.20 -15.83 32.74
CA ARG D 69 3.13 -16.08 33.69
C ARG D 69 2.75 -17.53 33.76
N LEU D 70 2.81 -18.24 32.62
CA LEU D 70 2.57 -19.67 32.64
C LEU D 70 3.57 -20.38 33.53
N PHE D 71 4.84 -19.96 33.48
CA PHE D 71 5.87 -20.64 34.27
C PHE D 71 5.73 -20.33 35.76
N GLU D 72 5.32 -19.11 36.11
CA GLU D 72 5.16 -18.77 37.52
C GLU D 72 4.00 -19.54 38.14
N GLU D 73 2.85 -19.54 37.46
CA GLU D 73 1.66 -20.18 38.03
C GLU D 73 1.83 -21.69 38.13
N SER D 74 2.57 -22.30 37.21
CA SER D 74 2.92 -23.71 37.35
C SER D 74 3.88 -23.94 38.50
N GLY D 75 4.51 -22.88 39.03
CA GLY D 75 5.52 -23.02 40.04
C GLY D 75 6.86 -23.49 39.53
N LEU D 76 7.07 -23.46 38.22
CA LEU D 76 8.34 -23.92 37.66
C LEU D 76 9.45 -22.92 37.92
N ILE D 77 9.20 -21.64 37.69
CA ILE D 77 10.17 -20.58 37.99
C ILE D 77 9.41 -19.38 38.55
N THR D 78 9.96 -18.79 39.62
CA THR D 78 9.51 -17.51 40.14
C THR D 78 10.49 -16.38 39.86
N ASP D 79 11.79 -16.65 39.94
CA ASP D 79 12.82 -15.63 39.78
C ASP D 79 13.40 -15.72 38.36
N PHE D 80 13.03 -14.76 37.52
CA PHE D 80 13.52 -14.67 36.15
C PHE D 80 14.70 -13.72 36.02
N THR D 81 15.58 -13.68 37.01
CA THR D 81 16.74 -12.81 36.98
C THR D 81 18.05 -13.56 36.77
N LYS D 82 18.17 -14.78 37.27
CA LYS D 82 19.37 -15.60 37.09
C LYS D 82 19.28 -16.52 35.87
N ILE D 83 18.33 -16.27 34.97
CA ILE D 83 18.18 -17.09 33.78
C ILE D 83 19.29 -16.74 32.80
N SER D 84 20.09 -17.75 32.44
CA SER D 84 21.22 -17.54 31.54
C SER D 84 20.73 -17.37 30.11
N ILE D 85 21.38 -16.45 29.38
CA ILE D 85 21.04 -16.17 27.99
C ILE D 85 22.11 -16.67 27.04
N ASN D 86 23.02 -17.51 27.51
CA ASN D 86 24.11 -18.01 26.66
C ASN D 86 24.16 -19.52 26.59
N LEU D 87 23.09 -20.21 26.97
CA LEU D 87 22.99 -21.63 26.68
C LEU D 87 22.54 -21.82 25.23
N ASN D 88 22.63 -23.06 24.76
CA ASN D 88 22.24 -23.35 23.39
C ASN D 88 20.82 -23.92 23.38
N PRO D 89 19.79 -23.13 23.10
CA PRO D 89 18.42 -23.65 23.17
C PRO D 89 18.14 -24.73 22.14
N TYR D 90 18.81 -24.68 20.98
CA TYR D 90 18.59 -25.68 19.94
C TYR D 90 19.14 -27.03 20.34
N GLN D 91 20.20 -27.06 21.13
CA GLN D 91 20.69 -28.33 21.65
C GLN D 91 19.80 -28.85 22.78
N LEU D 92 19.20 -27.94 23.56
CA LEU D 92 18.27 -28.35 24.61
C LEU D 92 16.94 -28.81 24.03
N ARG D 93 16.55 -28.30 22.86
CA ARG D 93 15.35 -28.76 22.21
C ARG D 93 15.49 -30.14 21.60
N VAL D 94 16.71 -30.63 21.46
CA VAL D 94 16.94 -31.99 20.95
C VAL D 94 17.26 -32.90 22.12
N LYS D 95 17.90 -32.35 23.16
CA LYS D 95 18.18 -33.15 24.35
C LYS D 95 16.90 -33.47 25.10
N GLY D 96 16.06 -32.46 25.34
CA GLY D 96 14.79 -32.67 26.03
C GLY D 96 13.86 -33.64 25.33
N LEU D 97 14.14 -33.97 24.07
CA LEU D 97 13.35 -34.97 23.35
C LEU D 97 13.47 -36.35 23.97
N THR D 98 14.59 -36.64 24.64
CA THR D 98 14.84 -37.97 25.17
C THR D 98 15.31 -37.94 26.62
N ASP D 99 16.08 -36.92 27.00
CA ASP D 99 16.62 -36.81 28.34
C ASP D 99 15.98 -35.63 29.07
N GLU D 100 16.13 -35.64 30.39
CA GLU D 100 15.52 -34.62 31.23
C GLU D 100 16.20 -33.27 31.04
N LEU D 101 15.44 -32.21 31.27
CA LEU D 101 15.94 -30.84 31.23
C LEU D 101 15.73 -30.19 32.59
N SER D 102 16.55 -29.18 32.87
CA SER D 102 16.29 -28.32 34.01
C SER D 102 15.05 -27.47 33.74
N ASN D 103 14.40 -27.05 34.83
CA ASN D 103 13.25 -26.16 34.68
C ASN D 103 13.64 -24.88 33.94
N GLU D 104 14.87 -24.41 34.14
CA GLU D 104 15.35 -23.25 33.39
C GLU D 104 15.84 -23.64 32.00
N GLU D 105 16.43 -24.82 31.86
CA GLU D 105 16.72 -25.33 30.51
C GLU D 105 15.45 -25.47 29.70
N LEU D 106 14.38 -25.96 30.34
CA LEU D 106 13.10 -26.07 29.66
C LEU D 106 12.56 -24.70 29.26
N PHE D 107 12.68 -23.73 30.15
CA PHE D 107 12.23 -22.37 29.83
C PHE D 107 12.97 -21.83 28.62
N ILE D 108 14.28 -22.11 28.51
CA ILE D 108 15.05 -21.59 27.38
C ILE D 108 14.62 -22.25 26.09
N ALA D 109 14.34 -23.55 26.11
CA ALA D 109 13.90 -24.25 24.91
C ALA D 109 12.54 -23.75 24.45
N LEU D 110 11.61 -23.58 25.38
CA LEU D 110 10.26 -23.12 25.01
C LEU D 110 10.27 -21.66 24.60
N LYS D 111 11.09 -20.83 25.26
CA LYS D 111 11.14 -19.42 24.92
C LYS D 111 11.70 -19.20 23.53
N ASN D 112 12.75 -19.93 23.18
CA ASN D 112 13.33 -19.79 21.84
C ASN D 112 12.37 -20.28 20.77
N MET D 113 11.62 -21.35 21.06
CA MET D 113 10.67 -21.87 20.11
C MET D 113 9.52 -20.90 19.87
N VAL D 114 9.09 -20.21 20.93
CA VAL D 114 8.02 -19.23 20.84
C VAL D 114 8.42 -18.01 20.02
N LYS D 115 9.71 -17.64 20.05
CA LYS D 115 10.16 -16.47 19.31
C LYS D 115 10.16 -16.70 17.80
N HIS D 116 10.21 -17.96 17.36
CA HIS D 116 10.11 -18.29 15.94
C HIS D 116 9.20 -19.51 15.83
N ARG D 117 7.93 -19.28 15.53
CA ARG D 117 6.89 -20.30 15.58
C ARG D 117 6.46 -20.80 14.21
N GLY D 118 7.07 -20.31 13.14
CA GLY D 118 6.89 -20.87 11.83
C GLY D 118 5.62 -20.42 11.13
N ILE D 119 5.51 -20.80 9.86
CA ILE D 119 4.32 -20.52 9.06
C ILE D 119 3.21 -21.51 9.42
N SER D 120 1.98 -21.18 9.02
CA SER D 120 0.81 -21.93 9.48
C SER D 120 -0.26 -22.00 8.40
N TYR D 121 0.13 -22.10 7.14
CA TYR D 121 -0.86 -22.29 6.09
C TYR D 121 -0.55 -23.52 5.25
N LYS D 150 12.38 -35.97 12.12
CA LYS D 150 13.29 -34.89 12.48
C LYS D 150 12.54 -33.60 12.81
N THR D 151 12.60 -33.21 14.09
CA THR D 151 12.01 -31.96 14.52
C THR D 151 12.78 -30.78 13.96
N PRO D 152 12.16 -29.61 13.84
CA PRO D 152 12.89 -28.43 13.37
C PRO D 152 14.13 -28.11 14.19
N GLY D 153 14.07 -28.26 15.51
CA GLY D 153 15.26 -28.07 16.33
C GLY D 153 16.42 -28.95 15.89
N GLN D 154 16.13 -30.21 15.57
CA GLN D 154 17.17 -31.09 15.08
C GLN D 154 17.78 -30.56 13.79
N ILE D 155 16.95 -30.10 12.86
CA ILE D 155 17.46 -29.54 11.61
C ILE D 155 18.20 -28.25 11.87
N GLN D 156 17.72 -27.45 12.82
CA GLN D 156 18.41 -26.22 13.16
C GLN D 156 19.75 -26.52 13.84
N LEU D 157 19.73 -27.34 14.90
CA LEU D 157 20.97 -27.69 15.59
C LEU D 157 22.02 -28.27 14.65
N GLU D 158 21.60 -29.00 13.62
CA GLU D 158 22.57 -29.53 12.66
C GLU D 158 23.00 -28.48 11.65
N ARG D 159 22.17 -27.47 11.38
CA ARG D 159 22.66 -26.32 10.64
C ARG D 159 23.67 -25.52 11.46
N TYR D 160 23.46 -25.48 12.78
CA TYR D 160 24.42 -24.84 13.67
C TYR D 160 25.76 -25.55 13.62
N GLN D 161 25.74 -26.88 13.70
CA GLN D 161 26.98 -27.63 13.83
C GLN D 161 27.76 -27.66 12.53
N THR D 162 27.11 -28.04 11.42
CA THR D 162 27.84 -28.19 10.17
C THR D 162 28.10 -26.87 9.47
N TYR D 163 27.27 -25.85 9.70
CA TYR D 163 27.43 -24.56 9.02
C TYR D 163 27.75 -23.41 9.94
N GLY D 164 27.66 -23.57 11.25
CA GLY D 164 27.95 -22.46 12.14
C GLY D 164 26.91 -21.36 12.17
N GLN D 165 25.74 -21.56 11.56
CA GLN D 165 24.72 -20.53 11.54
C GLN D 165 23.36 -21.16 11.28
N LEU D 166 22.33 -20.55 11.84
CA LEU D 166 20.94 -20.98 11.74
C LEU D 166 20.07 -19.97 11.01
N ARG D 167 20.12 -18.72 11.45
CA ARG D 167 19.05 -17.77 11.25
C ARG D 167 19.05 -17.23 9.84
N GLY D 168 17.93 -16.67 9.46
CA GLY D 168 17.86 -15.94 8.21
C GLY D 168 18.03 -16.83 7.01
N ASP D 169 18.88 -16.36 6.10
CA ASP D 169 18.80 -16.69 4.67
C ASP D 169 20.23 -16.67 4.14
N PHE D 170 20.88 -17.84 4.10
CA PHE D 170 22.32 -17.92 3.91
C PHE D 170 22.67 -19.05 2.93
N THR D 171 23.91 -18.99 2.45
CA THR D 171 24.43 -19.89 1.42
C THR D 171 25.16 -21.07 2.04
N VAL D 172 25.10 -22.21 1.36
CA VAL D 172 25.79 -23.41 1.79
C VAL D 172 26.30 -24.13 0.54
N GLU D 173 27.58 -24.51 0.55
CA GLU D 173 28.20 -25.24 -0.55
C GLU D 173 28.19 -26.72 -0.21
N LYS D 174 27.65 -27.54 -1.10
CA LYS D 174 27.47 -28.96 -0.84
C LYS D 174 27.82 -29.75 -2.09
N ASP D 175 28.80 -30.66 -1.97
CA ASP D 175 29.20 -31.57 -3.03
C ASP D 175 29.61 -30.85 -4.30
N GLY D 176 30.06 -29.60 -4.20
CA GLY D 176 30.47 -28.81 -5.33
C GLY D 176 29.47 -27.76 -5.75
N LYS D 177 28.21 -27.88 -5.33
CA LYS D 177 27.15 -26.96 -5.70
C LYS D 177 26.77 -26.08 -4.52
N LYS D 178 26.16 -24.94 -4.82
CA LYS D 178 25.71 -23.97 -3.83
C LYS D 178 24.19 -24.02 -3.72
N HIS D 179 23.70 -24.33 -2.53
CA HIS D 179 22.28 -24.28 -2.22
C HIS D 179 21.99 -23.18 -1.21
N ARG D 180 20.72 -22.87 -1.02
CA ARG D 180 20.29 -21.81 -0.11
C ARG D 180 19.28 -22.30 0.94
N LEU D 181 19.47 -21.98 2.20
CA LEU D 181 18.63 -22.38 3.30
C LEU D 181 17.92 -21.17 3.90
N ILE D 182 16.82 -21.44 4.62
CA ILE D 182 16.15 -20.42 5.42
C ILE D 182 15.61 -21.06 6.68
N ASN D 183 15.46 -20.25 7.74
CA ASN D 183 14.94 -20.71 9.01
C ASN D 183 13.41 -20.68 9.04
N VAL D 184 12.79 -21.22 7.99
CA VAL D 184 11.35 -21.28 7.86
C VAL D 184 10.91 -22.73 7.99
N PHE D 185 10.00 -22.99 8.93
CA PHE D 185 9.49 -24.31 9.23
C PHE D 185 8.00 -24.18 9.56
N PRO D 186 7.22 -25.24 9.36
CA PRO D 186 5.78 -25.14 9.60
C PRO D 186 5.47 -25.14 11.09
N THR D 187 4.42 -24.39 11.47
CA THR D 187 4.02 -24.32 12.87
C THR D 187 3.61 -25.68 13.40
N SER D 188 3.04 -26.53 12.54
CA SER D 188 2.68 -27.88 12.97
C SER D 188 3.89 -28.68 13.37
N ALA D 189 5.05 -28.40 12.77
CA ALA D 189 6.27 -29.11 13.15
C ALA D 189 6.81 -28.61 14.50
N TYR D 190 6.85 -27.29 14.70
CA TYR D 190 7.17 -26.78 16.03
C TYR D 190 6.22 -27.31 17.08
N ARG D 191 4.97 -27.54 16.71
CA ARG D 191 3.99 -28.09 17.65
C ARG D 191 4.32 -29.54 17.96
N SER D 192 4.57 -30.36 16.94
CA SER D 192 4.93 -31.75 17.17
C SER D 192 6.14 -31.85 18.10
N GLU D 193 7.19 -31.10 17.79
CA GLU D 193 8.40 -31.10 18.61
C GLU D 193 8.10 -30.75 20.05
N ALA D 194 7.51 -29.58 20.28
CA ALA D 194 7.23 -29.14 21.65
C ALA D 194 6.39 -30.16 22.40
N LEU D 195 5.45 -30.82 21.71
CA LEU D 195 4.64 -31.86 22.36
C LEU D 195 5.50 -33.02 22.81
N ARG D 196 6.44 -33.47 21.96
CA ARG D 196 7.32 -34.56 22.36
C ARG D 196 8.22 -34.14 23.50
N ILE D 197 8.75 -32.91 23.46
CA ILE D 197 9.65 -32.43 24.51
C ILE D 197 8.93 -32.42 25.85
N LEU D 198 7.81 -31.70 25.92
CA LEU D 198 7.07 -31.56 27.18
C LEU D 198 6.58 -32.91 27.69
N GLN D 199 6.32 -33.86 26.79
CA GLN D 199 5.84 -35.17 27.23
C GLN D 199 6.95 -35.95 27.92
N THR D 200 8.18 -35.90 27.41
CA THR D 200 9.28 -36.58 28.10
C THR D 200 9.66 -35.85 29.37
N GLN D 201 9.56 -34.53 29.39
CA GLN D 201 9.72 -33.81 30.65
C GLN D 201 8.65 -34.22 31.65
N GLN D 202 7.42 -34.44 31.15
CA GLN D 202 6.35 -34.93 31.99
C GLN D 202 6.63 -36.31 32.56
N GLU D 203 7.53 -37.03 31.92
CA GLU D 203 7.97 -38.31 32.45
C GLU D 203 8.85 -38.06 33.65
N PHE D 204 9.68 -37.03 33.56
CA PHE D 204 10.59 -36.72 34.63
C PHE D 204 10.10 -35.71 35.61
N ASN D 205 9.22 -34.84 35.17
CA ASN D 205 8.77 -33.79 36.03
C ASN D 205 7.30 -33.84 36.31
N PRO D 206 6.96 -33.69 37.63
CA PRO D 206 5.52 -33.79 37.90
C PRO D 206 4.72 -32.50 37.86
N GLN D 207 5.39 -31.36 37.71
CA GLN D 207 4.71 -30.07 37.68
C GLN D 207 4.26 -29.73 36.26
N ILE D 208 4.66 -30.56 35.30
CA ILE D 208 4.30 -30.34 33.95
C ILE D 208 2.95 -30.97 33.81
N THR D 209 1.92 -30.22 34.16
CA THR D 209 0.57 -30.72 34.07
C THR D 209 0.14 -30.79 32.60
N ASP D 210 -0.96 -31.50 32.36
CA ASP D 210 -1.54 -31.50 31.02
C ASP D 210 -2.09 -30.13 30.65
N GLU D 211 -2.49 -29.34 31.65
CA GLU D 211 -2.91 -27.98 31.38
C GLU D 211 -1.73 -27.11 30.96
N PHE D 212 -0.57 -27.32 31.57
CA PHE D 212 0.63 -26.60 31.16
C PHE D 212 0.95 -26.87 29.70
N ILE D 213 0.99 -28.15 29.31
CA ILE D 213 1.28 -28.50 27.92
C ILE D 213 0.26 -27.85 26.98
N ASN D 214 -1.02 -27.92 27.35
CA ASN D 214 -2.06 -27.39 26.48
C ASN D 214 -1.94 -25.88 26.33
N ARG D 215 -1.73 -25.17 27.43
CA ARG D 215 -1.71 -23.72 27.34
C ARG D 215 -0.45 -23.22 26.65
N TYR D 216 0.67 -23.93 26.79
CA TYR D 216 1.85 -23.56 26.03
C TYR D 216 1.60 -23.70 24.53
N LEU D 217 1.00 -24.82 24.12
CA LEU D 217 0.72 -25.03 22.70
C LEU D 217 -0.23 -23.98 22.16
N GLU D 218 -1.09 -23.42 23.00
CA GLU D 218 -1.93 -22.30 22.59
C GLU D 218 -1.09 -21.06 22.35
N ILE D 219 -0.22 -20.72 23.31
CA ILE D 219 0.74 -19.63 23.12
C ILE D 219 1.56 -19.86 21.87
N LEU D 220 2.11 -21.08 21.74
CA LEU D 220 2.95 -21.41 20.59
C LEU D 220 2.19 -21.27 19.28
N THR D 221 1.07 -21.97 19.14
CA THR D 221 0.41 -22.11 17.86
C THR D 221 -0.72 -21.10 17.63
N GLY D 222 -1.17 -20.42 18.68
CA GLY D 222 -2.33 -19.56 18.59
C GLY D 222 -2.28 -18.42 17.60
N LYS D 223 -3.26 -18.40 16.69
CA LYS D 223 -3.41 -17.34 15.70
C LYS D 223 -4.82 -16.77 15.80
N ARG D 224 -4.93 -15.50 15.55
CA ARG D 224 -6.22 -14.84 15.41
C ARG D 224 -6.74 -15.09 14.02
N LYS D 225 -8.03 -14.96 13.83
CA LYS D 225 -8.61 -15.16 12.52
C LYS D 225 -8.57 -13.84 11.75
N TYR D 226 -8.47 -13.95 10.42
CA TYR D 226 -8.42 -12.75 9.59
C TYR D 226 -9.72 -11.95 9.68
N TYR D 227 -10.83 -12.61 9.97
CA TYR D 227 -12.11 -11.93 10.08
C TYR D 227 -12.44 -11.49 11.50
N HIS D 228 -11.51 -11.64 12.44
CA HIS D 228 -11.68 -11.12 13.79
C HIS D 228 -10.82 -9.89 14.05
N GLY D 229 -9.50 -10.00 13.82
CA GLY D 229 -8.60 -8.89 14.02
C GLY D 229 -8.13 -8.78 15.46
N PRO D 230 -7.88 -7.56 15.91
CA PRO D 230 -7.38 -7.34 17.26
C PRO D 230 -8.47 -7.16 18.31
N GLY D 231 -7.96 -7.23 19.52
CA GLY D 231 -8.68 -7.03 20.71
C GLY D 231 -9.23 -8.28 21.24
N ASN D 232 -9.93 -8.05 22.31
CA ASN D 232 -10.68 -8.99 23.08
C ASN D 232 -11.86 -8.25 23.71
N GLU D 233 -12.65 -8.92 24.53
CA GLU D 233 -13.82 -8.28 25.11
C GLU D 233 -13.47 -7.04 25.92
N LYS D 234 -12.40 -7.10 26.70
CA LYS D 234 -11.92 -5.95 27.45
C LYS D 234 -11.23 -4.90 26.61
N SER D 235 -10.50 -5.34 25.59
CA SER D 235 -9.77 -4.40 24.78
C SER D 235 -10.50 -4.09 23.52
N ARG D 236 -11.30 -3.03 23.58
CA ARG D 236 -12.05 -2.63 22.39
C ARG D 236 -11.21 -1.83 21.40
N THR D 237 -11.30 -2.20 20.10
CA THR D 237 -10.57 -1.50 19.05
C THR D 237 -11.35 -1.62 17.76
N ASP D 238 -11.68 -0.48 17.16
CA ASP D 238 -12.43 -0.46 15.90
C ASP D 238 -11.64 -0.92 14.72
N TYR D 239 -10.45 -1.47 14.92
CA TYR D 239 -9.79 -2.21 13.87
C TYR D 239 -10.25 -3.66 13.81
N GLY D 240 -10.83 -4.16 14.89
CA GLY D 240 -11.20 -5.57 14.95
C GLY D 240 -12.61 -5.86 15.39
N ARG D 241 -12.79 -7.02 16.00
CA ARG D 241 -14.11 -7.59 16.23
C ARG D 241 -14.86 -6.85 17.33
N TYR D 242 -14.19 -6.60 18.45
CA TYR D 242 -14.82 -6.00 19.63
C TYR D 242 -14.74 -4.48 19.50
N ARG D 243 -15.83 -3.87 19.05
CA ARG D 243 -15.85 -2.47 18.69
C ARG D 243 -15.95 -1.58 19.93
N THR D 244 -15.54 -0.32 19.76
CA THR D 244 -15.63 0.64 20.85
C THR D 244 -17.07 0.92 21.24
N SER D 245 -18.01 0.79 20.29
CA SER D 245 -19.42 1.03 20.54
C SER D 245 -20.03 0.00 21.49
N GLY D 246 -19.34 -1.08 21.79
CA GLY D 246 -19.88 -2.15 22.60
C GLY D 246 -20.40 -3.32 21.79
N GLU D 247 -20.76 -3.12 20.53
CA GLU D 247 -21.10 -4.22 19.66
C GLU D 247 -19.85 -5.04 19.35
N THR D 248 -20.02 -6.35 19.15
CA THR D 248 -18.95 -7.25 18.76
C THR D 248 -19.44 -8.10 17.58
N LEU D 249 -18.87 -7.88 16.40
CA LEU D 249 -19.31 -8.54 15.18
C LEU D 249 -18.87 -10.00 15.13
N ASP D 250 -19.47 -10.75 14.20
CA ASP D 250 -18.98 -12.07 13.86
C ASP D 250 -17.88 -12.02 12.81
N ASN D 251 -17.89 -10.99 11.96
CA ASN D 251 -16.97 -10.90 10.83
C ASN D 251 -16.76 -9.44 10.51
N ILE D 252 -15.56 -8.93 10.74
CA ILE D 252 -15.28 -7.51 10.60
C ILE D 252 -15.32 -7.04 9.15
N PHE D 253 -15.46 -7.95 8.19
CA PHE D 253 -15.66 -7.58 6.80
C PHE D 253 -17.12 -7.47 6.43
N GLY D 254 -18.03 -7.85 7.32
CA GLY D 254 -19.44 -7.66 7.06
C GLY D 254 -19.79 -6.19 6.88
N ILE D 255 -19.20 -5.31 7.69
CA ILE D 255 -19.51 -3.89 7.64
C ILE D 255 -18.86 -3.17 6.47
N LEU D 256 -18.04 -3.87 5.68
CA LEU D 256 -17.47 -3.28 4.47
C LEU D 256 -18.23 -3.66 3.22
N ILE D 257 -19.27 -4.48 3.34
CA ILE D 257 -20.11 -4.81 2.20
C ILE D 257 -20.74 -3.53 1.67
N GLY D 258 -20.67 -3.34 0.36
CA GLY D 258 -21.23 -2.16 -0.25
C GLY D 258 -22.70 -2.01 0.05
N LYS D 259 -23.23 -0.83 -0.26
CA LYS D 259 -24.63 -0.53 -0.06
C LYS D 259 -25.33 -0.37 -1.40
N CYS D 260 -26.66 -0.35 -1.34
CA CYS D 260 -27.48 -0.41 -2.54
C CYS D 260 -27.31 0.83 -3.41
N THR D 261 -27.34 0.62 -4.72
CA THR D 261 -27.26 1.73 -5.66
C THR D 261 -28.37 2.74 -5.45
N PHE D 262 -29.52 2.31 -4.90
CA PHE D 262 -30.66 3.21 -4.78
C PHE D 262 -31.21 3.30 -3.35
N TYR D 263 -31.08 2.23 -2.57
CA TYR D 263 -31.50 2.27 -1.17
C TYR D 263 -30.25 2.29 -0.30
N PRO D 264 -29.62 3.45 -0.12
CA PRO D 264 -28.20 3.48 0.29
C PRO D 264 -27.93 3.11 1.74
N ASP D 265 -28.96 2.90 2.56
CA ASP D 265 -28.74 2.37 3.90
C ASP D 265 -29.05 0.89 3.98
N GLU D 266 -29.32 0.24 2.86
CA GLU D 266 -29.50 -1.20 2.79
C GLU D 266 -28.23 -1.83 2.25
N PHE D 267 -27.74 -2.85 2.93
CA PHE D 267 -26.64 -3.63 2.39
C PHE D 267 -27.07 -4.33 1.10
N ARG D 268 -26.09 -4.70 0.30
CA ARG D 268 -26.43 -5.36 -0.94
C ARG D 268 -26.63 -6.86 -0.73
N ALA D 269 -27.26 -7.48 -1.72
CA ALA D 269 -27.55 -8.89 -1.69
C ALA D 269 -26.35 -9.68 -2.19
N ALA D 270 -26.21 -10.90 -1.66
CA ALA D 270 -25.21 -11.82 -2.18
C ALA D 270 -25.59 -12.23 -3.59
N LYS D 271 -24.58 -12.37 -4.46
CA LYS D 271 -24.85 -12.87 -5.80
C LYS D 271 -25.43 -14.27 -5.78
N ALA D 272 -25.21 -15.02 -4.70
CA ALA D 272 -25.77 -16.36 -4.55
C ALA D 272 -27.11 -16.36 -3.82
N SER D 273 -27.65 -15.19 -3.51
CA SER D 273 -28.97 -15.15 -2.90
C SER D 273 -30.05 -15.47 -3.93
N TYR D 274 -31.23 -15.87 -3.44
CA TYR D 274 -32.34 -16.15 -4.33
C TYR D 274 -32.79 -14.89 -5.05
N THR D 275 -33.01 -13.82 -4.28
CA THR D 275 -33.47 -12.55 -4.83
C THR D 275 -32.58 -12.10 -5.98
N ALA D 276 -31.26 -12.28 -5.83
CA ALA D 276 -30.33 -11.86 -6.88
C ALA D 276 -30.40 -12.79 -8.09
N GLN D 277 -30.50 -14.10 -7.85
CA GLN D 277 -30.61 -15.04 -8.96
C GLN D 277 -31.89 -14.83 -9.75
N GLU D 278 -33.00 -14.56 -9.05
CA GLU D 278 -34.25 -14.31 -9.74
C GLU D 278 -34.22 -13.00 -10.51
N PHE D 279 -33.69 -11.94 -9.89
CA PHE D 279 -33.61 -10.65 -10.58
C PHE D 279 -32.69 -10.73 -11.79
N ASN D 280 -31.55 -11.39 -11.65
CA ASN D 280 -30.58 -11.45 -12.74
C ASN D 280 -31.17 -12.13 -13.96
N LEU D 281 -31.74 -13.32 -13.79
CA LEU D 281 -32.36 -14.02 -14.90
C LEU D 281 -33.50 -13.20 -15.52
N LEU D 282 -34.45 -12.77 -14.69
CA LEU D 282 -35.55 -11.94 -15.15
C LEU D 282 -35.09 -10.79 -16.03
N ASN D 283 -34.11 -10.02 -15.56
CA ASN D 283 -33.62 -8.91 -16.37
C ASN D 283 -32.94 -9.41 -17.64
N ASP D 284 -32.31 -10.58 -17.59
CA ASP D 284 -31.79 -11.19 -18.81
C ASP D 284 -32.93 -11.54 -19.76
N LEU D 285 -33.97 -12.21 -19.26
CA LEU D 285 -35.04 -12.69 -20.13
C LEU D 285 -35.82 -11.56 -20.77
N ASN D 286 -35.97 -10.43 -20.09
CA ASN D 286 -36.63 -9.28 -20.71
C ASN D 286 -35.70 -8.50 -21.61
N ASN D 287 -34.43 -8.88 -21.70
CA ASN D 287 -33.48 -8.26 -22.60
C ASN D 287 -33.32 -9.01 -23.92
N LEU D 288 -34.00 -10.15 -24.08
CA LEU D 288 -34.00 -10.82 -25.37
C LEU D 288 -35.19 -10.38 -26.21
N THR D 289 -35.05 -10.56 -27.51
CA THR D 289 -36.10 -10.27 -28.47
C THR D 289 -36.44 -11.54 -29.22
N VAL D 290 -37.72 -11.90 -29.21
CA VAL D 290 -38.16 -13.23 -29.63
C VAL D 290 -39.13 -13.06 -30.80
N PRO D 291 -39.39 -14.15 -31.54
CA PRO D 291 -40.33 -14.06 -32.66
C PRO D 291 -41.79 -13.91 -32.23
N THR D 292 -42.05 -13.74 -30.95
CA THR D 292 -43.41 -13.60 -30.46
C THR D 292 -44.10 -12.38 -31.10
N GLU D 293 -45.41 -12.29 -30.90
CA GLU D 293 -46.17 -11.18 -31.47
C GLU D 293 -45.86 -9.84 -30.80
N THR D 294 -45.19 -9.86 -29.65
CA THR D 294 -44.77 -8.66 -28.94
C THR D 294 -43.29 -8.37 -29.12
N LYS D 295 -42.54 -9.31 -29.70
CA LYS D 295 -41.07 -9.37 -29.75
C LYS D 295 -40.45 -9.59 -28.37
N LYS D 296 -41.25 -9.63 -27.31
CA LYS D 296 -40.75 -9.85 -25.96
C LYS D 296 -41.67 -10.82 -25.23
N LEU D 297 -41.10 -11.55 -24.27
CA LEU D 297 -41.78 -12.66 -23.63
C LEU D 297 -42.89 -12.17 -22.69
N SER D 298 -43.69 -13.13 -22.21
CA SER D 298 -44.87 -12.90 -21.40
C SER D 298 -44.58 -13.18 -19.93
N LYS D 299 -45.54 -12.84 -19.06
CA LYS D 299 -45.43 -13.24 -17.67
C LYS D 299 -45.46 -14.75 -17.53
N GLU D 300 -46.33 -15.42 -18.28
CA GLU D 300 -46.45 -16.87 -18.16
C GLU D 300 -45.25 -17.59 -18.74
N GLN D 301 -44.80 -17.17 -19.94
CA GLN D 301 -43.63 -17.79 -20.54
C GLN D 301 -42.42 -17.71 -19.62
N LYS D 302 -42.24 -16.60 -18.91
CA LYS D 302 -41.13 -16.49 -17.98
C LYS D 302 -41.27 -17.47 -16.82
N ASN D 303 -42.48 -17.58 -16.26
CA ASN D 303 -42.65 -18.28 -14.99
C ASN D 303 -42.20 -19.73 -15.05
N GLN D 304 -42.35 -20.40 -16.19
CA GLN D 304 -41.95 -21.80 -16.23
C GLN D 304 -40.52 -21.97 -16.72
N ILE D 305 -39.96 -21.02 -17.48
CA ILE D 305 -38.52 -21.04 -17.68
C ILE D 305 -37.80 -20.96 -16.35
N ILE D 306 -38.25 -20.06 -15.47
CA ILE D 306 -37.78 -20.07 -14.09
C ILE D 306 -38.01 -21.44 -13.46
N ASN D 307 -39.25 -21.91 -13.52
CA ASN D 307 -39.59 -23.22 -12.95
C ASN D 307 -38.82 -24.34 -13.64
N TYR D 308 -38.56 -24.22 -14.94
CA TYR D 308 -37.83 -25.26 -15.65
C TYR D 308 -36.40 -25.40 -15.12
N VAL D 309 -35.64 -24.30 -15.11
CA VAL D 309 -34.23 -24.39 -14.74
C VAL D 309 -34.09 -24.64 -13.25
N LYS D 310 -35.01 -24.09 -12.45
CA LYS D 310 -34.94 -24.26 -11.01
C LYS D 310 -35.11 -25.71 -10.58
N ASN D 311 -35.70 -26.54 -11.44
CA ASN D 311 -35.91 -27.93 -11.15
C ASN D 311 -35.10 -28.89 -12.02
N GLU D 312 -34.42 -28.38 -13.04
CA GLU D 312 -33.51 -29.21 -13.83
C GLU D 312 -32.14 -29.21 -13.15
N LYS D 313 -31.58 -30.39 -12.94
CA LYS D 313 -30.34 -30.49 -12.16
C LYS D 313 -29.14 -30.00 -12.95
N ALA D 314 -29.00 -30.43 -14.21
CA ALA D 314 -27.92 -29.95 -15.07
C ALA D 314 -28.43 -28.76 -15.86
N MET D 315 -27.55 -27.77 -16.06
CA MET D 315 -28.02 -26.55 -16.70
C MET D 315 -26.85 -25.72 -17.20
N GLY D 316 -27.03 -25.11 -18.37
CA GLY D 316 -26.13 -24.13 -18.91
C GLY D 316 -26.88 -23.19 -19.83
N PRO D 317 -26.20 -22.18 -20.36
CA PRO D 317 -26.89 -21.26 -21.29
C PRO D 317 -27.36 -21.96 -22.56
N ALA D 318 -26.57 -22.89 -23.10
CA ALA D 318 -26.97 -23.59 -24.32
C ALA D 318 -28.24 -24.39 -24.11
N LYS D 319 -28.28 -25.20 -23.05
CA LYS D 319 -29.47 -26.00 -22.74
C LYS D 319 -30.69 -25.12 -22.51
N LEU D 320 -30.50 -23.90 -22.02
CA LEU D 320 -31.62 -23.00 -21.81
C LEU D 320 -32.15 -22.46 -23.12
N PHE D 321 -31.28 -21.98 -23.99
CA PHE D 321 -31.70 -21.49 -25.30
C PHE D 321 -32.22 -22.62 -26.18
N LYS D 322 -31.77 -23.85 -25.96
CA LYS D 322 -32.38 -24.99 -26.62
C LYS D 322 -33.82 -25.20 -26.17
N TYR D 323 -34.19 -24.69 -25.00
CA TYR D 323 -35.52 -24.99 -24.47
C TYR D 323 -36.56 -23.91 -24.80
N ILE D 324 -36.18 -22.64 -24.81
CA ILE D 324 -37.11 -21.66 -25.35
C ILE D 324 -37.17 -21.76 -26.87
N ALA D 325 -36.14 -22.32 -27.50
CA ALA D 325 -36.29 -22.79 -28.87
C ALA D 325 -37.45 -23.78 -28.96
N LYS D 326 -37.62 -24.59 -27.91
CA LYS D 326 -38.77 -25.50 -27.85
C LYS D 326 -40.03 -24.78 -27.41
N LEU D 327 -39.92 -23.73 -26.59
CA LEU D 327 -41.08 -23.02 -26.09
C LEU D 327 -41.66 -22.03 -27.08
N LEU D 328 -41.23 -22.07 -28.34
CA LEU D 328 -41.76 -21.18 -29.36
C LEU D 328 -42.09 -21.95 -30.65
N ASP D 331 -36.94 -22.48 -32.95
CA ASP D 331 -35.69 -22.12 -33.59
C ASP D 331 -34.84 -21.23 -32.69
N VAL D 332 -33.69 -21.77 -32.27
CA VAL D 332 -32.85 -21.07 -31.29
C VAL D 332 -32.11 -19.91 -31.93
N ALA D 333 -31.63 -20.08 -33.16
CA ALA D 333 -30.87 -19.02 -33.83
C ALA D 333 -31.72 -17.79 -34.12
N ASP D 334 -33.04 -17.89 -34.02
CA ASP D 334 -33.91 -16.73 -34.19
C ASP D 334 -34.02 -15.90 -32.94
N ILE D 335 -33.41 -16.31 -31.83
CA ILE D 335 -33.46 -15.57 -30.58
C ILE D 335 -32.29 -14.58 -30.54
N LYS D 336 -32.57 -13.34 -30.16
CA LYS D 336 -31.60 -12.26 -30.20
C LYS D 336 -31.57 -11.52 -28.88
N GLY D 337 -30.50 -10.76 -28.67
CA GLY D 337 -30.37 -9.90 -27.51
C GLY D 337 -29.63 -10.48 -26.33
N TYR D 338 -28.91 -11.58 -26.50
CA TYR D 338 -28.30 -12.26 -25.37
C TYR D 338 -26.92 -11.68 -25.05
N ARG D 339 -26.57 -11.72 -23.77
CA ARG D 339 -25.23 -11.36 -23.34
C ARG D 339 -24.20 -12.27 -23.99
N ILE D 340 -23.08 -11.68 -24.40
CA ILE D 340 -22.10 -12.36 -25.23
C ILE D 340 -20.87 -12.70 -24.39
N ASP D 341 -20.16 -13.73 -24.83
CA ASP D 341 -18.89 -14.13 -24.24
C ASP D 341 -17.74 -13.44 -24.96
N LYS D 342 -16.57 -13.45 -24.33
CA LYS D 342 -15.39 -12.85 -24.94
C LYS D 342 -15.13 -13.42 -26.33
N SER D 343 -15.25 -14.74 -26.48
CA SER D 343 -15.15 -15.35 -27.81
C SER D 343 -16.46 -15.23 -28.56
N GLY D 344 -17.58 -15.46 -27.88
CA GLY D 344 -18.89 -15.36 -28.51
C GLY D 344 -19.90 -16.38 -28.01
N LYS D 345 -19.44 -17.34 -27.20
CA LYS D 345 -20.32 -18.37 -26.67
C LYS D 345 -21.31 -17.74 -25.70
N ALA D 346 -22.50 -17.40 -26.20
CA ALA D 346 -23.50 -16.59 -25.50
C ALA D 346 -23.69 -16.94 -24.03
N GLU D 347 -24.11 -15.94 -23.25
CA GLU D 347 -24.33 -16.11 -21.82
C GLU D 347 -25.69 -15.68 -21.27
N ILE D 348 -26.12 -16.34 -20.23
CA ILE D 348 -27.36 -16.03 -19.57
C ILE D 348 -27.31 -16.58 -18.15
N HIS D 349 -28.13 -16.07 -17.25
CA HIS D 349 -28.16 -16.59 -15.90
C HIS D 349 -28.80 -17.96 -15.80
N THR D 350 -28.33 -18.77 -14.87
CA THR D 350 -28.80 -20.12 -14.70
C THR D 350 -29.30 -20.49 -13.30
N PHE D 351 -29.32 -19.55 -12.36
CA PHE D 351 -29.79 -19.87 -11.03
C PHE D 351 -28.89 -20.95 -10.48
N GLU D 352 -27.62 -20.84 -10.80
CA GLU D 352 -26.59 -21.81 -10.45
C GLU D 352 -26.41 -22.04 -8.98
N ALA D 353 -26.40 -20.97 -8.22
CA ALA D 353 -26.23 -21.14 -6.79
C ALA D 353 -27.37 -21.96 -6.20
N TYR D 354 -28.61 -21.71 -6.66
CA TYR D 354 -29.75 -22.39 -6.09
C TYR D 354 -29.74 -23.88 -6.43
N ARG D 355 -29.42 -24.21 -7.68
CA ARG D 355 -29.40 -25.61 -8.09
C ARG D 355 -28.44 -26.43 -7.24
N LYS D 356 -27.20 -25.96 -7.09
CA LYS D 356 -26.21 -26.73 -6.35
C LYS D 356 -26.47 -26.69 -4.85
N MET D 357 -27.13 -25.64 -4.35
CA MET D 357 -27.60 -25.70 -2.98
C MET D 357 -28.70 -26.74 -2.81
N LYS D 358 -29.51 -26.95 -3.84
CA LYS D 358 -30.55 -27.97 -3.80
C LYS D 358 -29.98 -29.38 -3.81
N THR D 359 -28.68 -29.53 -4.05
CA THR D 359 -28.02 -30.83 -3.96
C THR D 359 -27.59 -31.16 -2.53
N LEU D 360 -27.83 -30.28 -1.58
CA LEU D 360 -27.66 -30.64 -0.18
C LEU D 360 -28.64 -31.73 0.19
N GLU D 361 -28.17 -32.71 0.96
CA GLU D 361 -29.02 -33.81 1.39
C GLU D 361 -29.61 -33.58 2.77
N THR D 362 -28.77 -33.20 3.75
CA THR D 362 -29.27 -32.97 5.11
C THR D 362 -30.26 -31.82 5.14
N LEU D 363 -30.14 -30.88 4.23
CA LEU D 363 -31.17 -29.89 4.02
C LEU D 363 -31.83 -30.15 2.68
N ASP D 364 -32.88 -29.33 2.47
CA ASP D 364 -33.71 -29.24 1.27
C ASP D 364 -33.65 -27.76 0.89
N ILE D 365 -33.61 -27.42 -0.40
CA ILE D 365 -33.40 -26.01 -0.68
C ILE D 365 -34.74 -25.35 -0.92
N GLU D 366 -35.81 -26.06 -0.57
CA GLU D 366 -37.17 -25.64 -0.88
C GLU D 366 -38.02 -25.40 0.36
N GLN D 367 -37.69 -26.06 1.47
CA GLN D 367 -38.37 -25.75 2.74
C GLN D 367 -38.26 -24.27 3.04
N MET D 368 -37.17 -23.64 2.62
CA MET D 368 -36.81 -22.31 3.08
C MET D 368 -37.51 -21.25 2.26
N ASP D 369 -37.94 -20.21 2.92
CA ASP D 369 -38.61 -19.12 2.22
C ASP D 369 -37.55 -18.27 1.55
N ARG D 370 -37.96 -17.09 1.09
CA ARG D 370 -37.04 -16.23 0.35
C ARG D 370 -35.98 -15.64 1.26
N GLU D 371 -36.37 -15.19 2.46
CA GLU D 371 -35.43 -14.43 3.27
C GLU D 371 -34.45 -15.31 4.04
N THR D 372 -34.82 -16.56 4.34
CA THR D 372 -33.88 -17.45 5.01
C THR D 372 -32.91 -18.12 4.05
N LEU D 373 -33.18 -18.08 2.75
CA LEU D 373 -32.20 -18.52 1.76
C LEU D 373 -31.27 -17.38 1.35
N ASP D 374 -31.79 -16.15 1.29
CA ASP D 374 -30.94 -15.00 1.03
C ASP D 374 -29.92 -14.80 2.15
N LYS D 375 -30.34 -15.03 3.40
CA LYS D 375 -29.40 -14.86 4.51
C LYS D 375 -28.38 -15.99 4.54
N LEU D 376 -28.81 -17.22 4.27
CA LEU D 376 -27.87 -18.32 4.10
C LEU D 376 -26.79 -17.96 3.09
N ALA D 377 -27.18 -17.28 2.01
CA ALA D 377 -26.20 -16.85 1.02
C ALA D 377 -25.29 -15.76 1.58
N TYR D 378 -25.85 -14.85 2.39
CA TYR D 378 -25.03 -13.83 3.03
C TYR D 378 -23.90 -14.45 3.83
N VAL D 379 -24.22 -15.41 4.70
CA VAL D 379 -23.19 -15.98 5.57
C VAL D 379 -22.23 -16.86 4.77
N LEU D 380 -22.77 -17.69 3.86
CA LEU D 380 -21.90 -18.55 3.07
C LEU D 380 -21.05 -17.76 2.07
N THR D 381 -21.45 -16.53 1.73
CA THR D 381 -20.62 -15.71 0.85
C THR D 381 -19.52 -15.01 1.65
N LEU D 382 -19.89 -14.42 2.79
CA LEU D 382 -18.93 -13.64 3.56
C LEU D 382 -17.94 -14.53 4.27
N ASN D 383 -18.41 -15.55 4.98
CA ASN D 383 -17.56 -16.40 5.78
C ASN D 383 -16.94 -17.50 4.94
N THR D 384 -15.69 -17.84 5.25
CA THR D 384 -14.93 -18.81 4.48
C THR D 384 -14.41 -19.97 5.31
N GLU D 385 -14.59 -19.94 6.63
CA GLU D 385 -14.10 -21.02 7.48
C GLU D 385 -15.21 -21.47 8.41
N ARG D 386 -15.02 -22.66 8.99
CA ARG D 386 -16.04 -23.29 9.83
C ARG D 386 -16.53 -22.36 10.93
N GLU D 387 -15.61 -21.82 11.74
CA GLU D 387 -16.01 -21.02 12.90
C GLU D 387 -16.82 -19.80 12.48
N GLY D 388 -16.39 -19.12 11.43
CA GLY D 388 -17.13 -17.96 10.98
C GLY D 388 -18.53 -18.31 10.49
N ILE D 389 -18.66 -19.43 9.78
CA ILE D 389 -19.97 -19.91 9.36
C ILE D 389 -20.78 -20.35 10.57
N GLN D 390 -20.19 -21.20 11.42
CA GLN D 390 -20.94 -21.72 12.57
C GLN D 390 -21.40 -20.61 13.50
N GLU D 391 -20.61 -19.55 13.67
CA GLU D 391 -20.99 -18.49 14.57
C GLU D 391 -22.08 -17.60 13.96
N ALA D 392 -22.05 -17.40 12.64
CA ALA D 392 -23.07 -16.56 12.01
C ALA D 392 -24.45 -17.23 12.04
N LEU D 393 -24.51 -18.53 11.76
CA LEU D 393 -25.79 -19.22 11.72
C LEU D 393 -26.47 -19.21 13.08
N GLU D 394 -25.71 -19.47 14.15
CA GLU D 394 -26.27 -19.35 15.49
C GLU D 394 -26.82 -17.96 15.76
N HIS D 395 -26.06 -16.94 15.39
CA HIS D 395 -26.40 -15.59 15.81
C HIS D 395 -27.47 -14.93 14.94
N GLU D 396 -27.61 -15.35 13.69
CA GLU D 396 -28.52 -14.68 12.77
C GLU D 396 -29.64 -15.58 12.27
N PHE D 397 -29.73 -16.82 12.74
CA PHE D 397 -30.88 -17.68 12.49
C PHE D 397 -31.47 -18.08 13.84
N ALA D 398 -32.81 -18.20 13.88
CA ALA D 398 -33.50 -18.54 15.12
C ALA D 398 -32.92 -19.83 15.71
N ASP D 399 -33.04 -19.95 17.03
CA ASP D 399 -32.17 -20.84 17.80
C ASP D 399 -32.15 -22.26 17.25
N GLY D 400 -33.32 -22.83 16.96
CA GLY D 400 -33.36 -24.22 16.54
C GLY D 400 -33.46 -24.42 15.04
N SER D 401 -32.76 -23.61 14.26
CA SER D 401 -32.88 -23.65 12.81
C SER D 401 -31.88 -24.57 12.13
N PHE D 402 -30.83 -24.99 12.82
CA PHE D 402 -29.82 -25.87 12.24
C PHE D 402 -29.28 -26.79 13.33
N SER D 403 -29.08 -28.06 12.98
CA SER D 403 -28.45 -29.02 13.87
C SER D 403 -26.98 -29.20 13.48
N GLN D 404 -26.24 -29.86 14.37
CA GLN D 404 -24.79 -30.00 14.19
C GLN D 404 -24.45 -30.69 12.87
N LYS D 405 -25.20 -31.72 12.51
CA LYS D 405 -24.95 -32.41 11.24
C LYS D 405 -25.35 -31.55 10.05
N GLN D 406 -26.34 -30.67 10.22
CA GLN D 406 -26.76 -29.81 9.13
C GLN D 406 -25.70 -28.75 8.82
N VAL D 407 -25.17 -28.09 9.86
CA VAL D 407 -24.10 -27.13 9.63
C VAL D 407 -22.82 -27.84 9.23
N ASP D 408 -22.65 -29.10 9.64
CA ASP D 408 -21.54 -29.91 9.16
C ASP D 408 -21.52 -29.97 7.64
N GLU D 409 -22.67 -30.18 7.02
CA GLU D 409 -22.70 -30.28 5.56
C GLU D 409 -22.48 -28.92 4.91
N LEU D 410 -23.03 -27.86 5.52
CA LEU D 410 -22.93 -26.53 4.92
C LEU D 410 -21.48 -26.08 4.82
N VAL D 411 -20.68 -26.33 5.87
CA VAL D 411 -19.29 -25.93 5.83
C VAL D 411 -18.53 -26.74 4.79
N GLN D 412 -18.85 -28.03 4.64
CA GLN D 412 -18.25 -28.79 3.54
C GLN D 412 -18.81 -28.33 2.21
N PHE D 413 -20.07 -27.89 2.19
CA PHE D 413 -20.64 -27.39 0.94
C PHE D 413 -20.02 -26.07 0.54
N ARG D 414 -19.72 -25.22 1.51
CA ARG D 414 -19.11 -23.95 1.20
C ARG D 414 -17.70 -24.11 0.67
N LYS D 415 -16.91 -24.93 1.36
CA LYS D 415 -15.53 -25.12 0.92
C LYS D 415 -15.46 -25.75 -0.46
N ALA D 416 -16.32 -26.73 -0.74
CA ALA D 416 -16.35 -27.33 -2.06
C ALA D 416 -16.90 -26.39 -3.13
N ASN D 417 -17.35 -25.20 -2.76
CA ASN D 417 -17.95 -24.25 -3.69
C ASN D 417 -17.51 -22.83 -3.39
N SER D 418 -16.24 -22.65 -3.02
CA SER D 418 -15.72 -21.31 -2.81
C SER D 418 -15.73 -20.49 -4.09
N SER D 419 -15.66 -21.13 -5.26
CA SER D 419 -15.68 -20.40 -6.51
C SER D 419 -17.04 -19.76 -6.77
N ILE D 420 -18.11 -20.34 -6.24
CA ILE D 420 -19.44 -19.77 -6.40
C ILE D 420 -19.71 -18.70 -5.34
N PHE D 421 -19.28 -18.94 -4.11
CA PHE D 421 -19.49 -18.00 -3.00
C PHE D 421 -18.38 -16.96 -2.88
N GLY D 422 -17.38 -17.00 -3.76
CA GLY D 422 -16.39 -15.96 -3.84
C GLY D 422 -16.65 -14.93 -4.93
N LYS D 423 -17.80 -15.01 -5.60
CA LYS D 423 -18.12 -14.11 -6.70
C LYS D 423 -18.73 -12.79 -6.25
N GLY D 424 -18.93 -12.61 -4.95
CA GLY D 424 -19.20 -11.29 -4.43
C GLY D 424 -20.64 -10.93 -4.11
N TRP D 425 -21.04 -9.73 -4.51
CA TRP D 425 -22.28 -9.14 -4.04
C TRP D 425 -22.92 -8.34 -5.17
N HIS D 426 -24.25 -8.40 -5.24
CA HIS D 426 -24.99 -7.69 -6.27
C HIS D 426 -24.97 -6.19 -5.98
N ASN D 427 -25.09 -5.39 -7.03
CA ASN D 427 -25.12 -3.95 -6.80
C ASN D 427 -26.43 -3.50 -6.14
N PHE D 428 -27.45 -4.34 -6.17
CA PHE D 428 -28.75 -4.01 -5.57
C PHE D 428 -28.94 -4.71 -4.23
N SER D 429 -29.69 -4.06 -3.36
CA SER D 429 -30.14 -4.70 -2.13
C SER D 429 -31.30 -5.66 -2.44
N VAL D 430 -31.63 -6.50 -1.47
CA VAL D 430 -32.79 -7.37 -1.61
C VAL D 430 -34.06 -6.53 -1.69
N LYS D 431 -34.17 -5.50 -0.84
CA LYS D 431 -35.34 -4.64 -0.81
C LYS D 431 -35.69 -4.11 -2.20
N LEU D 432 -34.70 -3.54 -2.88
CA LEU D 432 -34.99 -2.91 -4.17
C LEU D 432 -35.38 -3.94 -5.22
N MET D 433 -34.71 -5.08 -5.23
CA MET D 433 -35.08 -6.13 -6.18
C MET D 433 -36.51 -6.61 -5.95
N MET D 434 -36.94 -6.69 -4.68
CA MET D 434 -38.31 -7.04 -4.38
C MET D 434 -39.29 -6.00 -4.94
N GLU D 435 -38.88 -4.73 -4.98
CA GLU D 435 -39.73 -3.74 -5.63
C GLU D 435 -39.73 -3.89 -7.14
N LEU D 436 -38.66 -4.44 -7.71
CA LEU D 436 -38.55 -4.58 -9.15
C LEU D 436 -39.00 -5.94 -9.66
N ILE D 437 -38.66 -7.02 -8.94
CA ILE D 437 -38.88 -8.38 -9.45
C ILE D 437 -40.30 -8.59 -10.01
N PRO D 438 -41.37 -8.28 -9.28
CA PRO D 438 -42.71 -8.47 -9.88
C PRO D 438 -42.91 -7.63 -11.12
N GLU D 439 -42.33 -6.43 -11.18
CA GLU D 439 -42.44 -5.63 -12.39
C GLU D 439 -41.72 -6.31 -13.56
N LEU D 440 -40.58 -6.97 -13.33
CA LEU D 440 -39.94 -7.68 -14.43
C LEU D 440 -40.79 -8.84 -14.92
N TYR D 441 -41.54 -9.49 -14.03
CA TYR D 441 -42.48 -10.52 -14.45
C TYR D 441 -43.58 -9.94 -15.34
N GLU D 442 -44.02 -8.71 -15.04
CA GLU D 442 -45.22 -8.14 -15.62
C GLU D 442 -44.98 -7.33 -16.89
N THR D 443 -43.94 -6.48 -16.90
CA THR D 443 -43.83 -5.43 -17.90
C THR D 443 -43.21 -5.86 -19.22
N SER D 444 -42.26 -6.80 -19.20
CA SER D 444 -41.28 -7.03 -20.26
C SER D 444 -40.27 -5.91 -20.37
N GLU D 445 -40.33 -4.91 -19.51
CA GLU D 445 -39.30 -3.88 -19.46
C GLU D 445 -38.09 -4.41 -18.68
N GLU D 446 -36.91 -3.93 -19.04
CA GLU D 446 -35.71 -4.27 -18.28
C GLU D 446 -35.57 -3.29 -17.12
N GLN D 447 -34.57 -3.52 -16.27
CA GLN D 447 -34.42 -2.70 -15.07
C GLN D 447 -34.53 -1.21 -15.38
N MET D 448 -33.63 -0.67 -16.20
CA MET D 448 -33.50 0.78 -16.35
C MET D 448 -34.84 1.46 -16.63
N THR D 449 -35.57 0.99 -17.63
CA THR D 449 -36.84 1.63 -17.95
C THR D 449 -37.84 1.51 -16.80
N ILE D 450 -37.74 0.44 -16.01
CA ILE D 450 -38.57 0.34 -14.82
C ILE D 450 -38.19 1.42 -13.82
N LEU D 451 -36.91 1.53 -13.47
CA LEU D 451 -36.53 2.49 -12.44
C LEU D 451 -36.89 3.92 -12.83
N THR D 452 -36.70 4.29 -14.09
CA THR D 452 -37.07 5.64 -14.52
C THR D 452 -38.56 5.89 -14.33
N ARG D 453 -39.40 4.91 -14.68
CA ARG D 453 -40.84 5.08 -14.59
C ARG D 453 -41.27 5.41 -13.17
N LEU D 454 -40.77 4.67 -12.18
CA LEU D 454 -41.11 4.95 -10.80
C LEU D 454 -40.21 6.02 -10.19
N GLY D 455 -38.92 5.99 -10.50
CA GLY D 455 -38.00 6.97 -9.95
C GLY D 455 -37.21 6.46 -8.76
N TYR D 468 -25.17 24.20 -0.93
CA TYR D 468 -23.85 23.66 -1.27
C TYR D 468 -23.73 22.20 -0.85
N ILE D 469 -22.77 21.49 -1.44
CA ILE D 469 -22.54 20.11 -1.13
C ILE D 469 -21.67 20.02 0.11
N ASP D 470 -22.01 19.06 0.97
CA ASP D 470 -21.19 18.71 2.11
C ASP D 470 -20.11 17.74 1.63
N GLU D 471 -18.87 18.22 1.54
CA GLU D 471 -17.80 17.38 1.02
C GLU D 471 -17.46 16.24 1.96
N LYS D 472 -17.66 16.43 3.27
CA LYS D 472 -17.28 15.40 4.23
C LYS D 472 -18.24 14.22 4.17
N LEU D 473 -19.54 14.48 4.08
CA LEU D 473 -20.49 13.39 3.94
C LEU D 473 -20.37 12.72 2.57
N LEU D 474 -20.00 13.49 1.54
CA LEU D 474 -19.79 12.90 0.23
C LEU D 474 -18.66 11.88 0.25
N THR D 475 -17.63 12.13 1.05
CA THR D 475 -16.47 11.23 1.13
C THR D 475 -16.43 10.44 2.42
N GLU D 476 -17.54 10.37 3.15
CA GLU D 476 -17.50 9.72 4.46
C GLU D 476 -17.19 8.24 4.36
N GLU D 477 -17.64 7.57 3.29
CA GLU D 477 -17.51 6.13 3.16
C GLU D 477 -16.68 5.73 1.94
N ILE D 478 -15.76 6.58 1.52
CA ILE D 478 -14.77 6.23 0.51
C ILE D 478 -13.45 5.97 1.23
N TYR D 479 -12.90 4.77 1.04
CA TYR D 479 -11.68 4.36 1.74
C TYR D 479 -10.53 4.39 0.72
N ASN D 480 -10.09 5.59 0.44
CA ASN D 480 -9.01 5.85 -0.46
C ASN D 480 -8.61 7.30 -0.20
N PRO D 481 -7.75 7.54 0.79
CA PRO D 481 -7.46 8.92 1.19
C PRO D 481 -6.95 9.78 0.07
N VAL D 482 -6.36 9.19 -0.98
CA VAL D 482 -5.93 9.98 -2.13
C VAL D 482 -7.14 10.45 -2.94
N VAL D 483 -8.00 9.50 -3.34
CA VAL D 483 -9.20 9.88 -4.09
C VAL D 483 -10.09 10.76 -3.23
N ALA D 484 -10.22 10.43 -1.95
CA ALA D 484 -11.11 11.18 -1.07
C ALA D 484 -10.65 12.63 -0.92
N LYS D 485 -9.34 12.87 -0.89
CA LYS D 485 -8.84 14.22 -0.65
C LYS D 485 -9.02 15.09 -1.89
N SER D 486 -8.57 14.59 -3.05
CA SER D 486 -8.75 15.32 -4.29
C SER D 486 -10.22 15.62 -4.54
N VAL D 487 -11.14 14.81 -4.01
CA VAL D 487 -12.57 15.09 -4.17
C VAL D 487 -12.97 16.30 -3.33
N ARG D 488 -12.67 16.25 -2.02
CA ARG D 488 -13.02 17.39 -1.16
C ARG D 488 -12.38 18.67 -1.66
N GLN D 489 -11.14 18.59 -2.13
CA GLN D 489 -10.48 19.78 -2.67
C GLN D 489 -11.26 20.33 -3.86
N ALA D 490 -11.77 19.45 -4.71
CA ALA D 490 -12.54 19.89 -5.87
C ALA D 490 -13.90 20.44 -5.46
N ILE D 491 -14.56 19.84 -4.48
CA ILE D 491 -15.85 20.34 -4.04
C ILE D 491 -15.69 21.68 -3.32
N LYS D 492 -14.72 21.76 -2.41
CA LYS D 492 -14.48 23.01 -1.69
C LYS D 492 -14.17 24.15 -2.64
N ILE D 493 -13.66 23.86 -3.84
CA ILE D 493 -13.39 24.90 -4.82
C ILE D 493 -14.68 25.42 -5.44
N VAL D 494 -15.57 24.51 -5.84
CA VAL D 494 -16.80 24.94 -6.51
C VAL D 494 -17.70 25.69 -5.53
N ASN D 495 -17.72 25.28 -4.26
CA ASN D 495 -18.42 26.04 -3.24
C ASN D 495 -17.93 27.49 -3.20
N ALA D 496 -16.61 27.66 -3.04
CA ALA D 496 -16.05 29.01 -3.01
C ALA D 496 -16.22 29.72 -4.34
N ALA D 497 -16.17 28.99 -5.45
CA ALA D 497 -16.39 29.61 -6.75
C ALA D 497 -17.82 30.10 -6.93
N ILE D 498 -18.79 29.52 -6.24
CA ILE D 498 -20.15 29.99 -6.39
C ILE D 498 -20.38 31.25 -5.56
N LYS D 499 -19.82 31.30 -4.35
CA LYS D 499 -20.13 32.42 -3.48
C LYS D 499 -19.40 33.70 -3.86
N GLU D 500 -18.28 33.60 -4.57
CA GLU D 500 -17.62 34.78 -5.12
C GLU D 500 -18.12 35.13 -6.51
N TYR D 501 -18.81 34.20 -7.20
CA TYR D 501 -19.19 34.40 -8.60
C TYR D 501 -20.62 33.99 -8.91
N GLY D 502 -21.41 33.57 -7.93
CA GLY D 502 -22.74 33.06 -8.22
C GLY D 502 -22.66 31.72 -8.94
N ASP D 503 -23.83 31.16 -9.20
CA ASP D 503 -23.86 29.88 -9.89
C ASP D 503 -23.46 30.06 -11.36
N PHE D 504 -23.19 28.94 -12.01
CA PHE D 504 -22.62 28.92 -13.34
C PHE D 504 -23.61 28.38 -14.36
N ASP D 505 -23.32 28.62 -15.63
CA ASP D 505 -24.06 27.96 -16.68
C ASP D 505 -23.54 26.55 -16.93
N ASN D 506 -22.24 26.34 -16.74
CA ASN D 506 -21.67 25.03 -17.00
C ASN D 506 -20.42 24.84 -16.14
N ILE D 507 -20.27 23.63 -15.60
CA ILE D 507 -19.08 23.24 -14.85
C ILE D 507 -18.49 22.06 -15.60
N VAL D 508 -17.33 22.27 -16.22
CA VAL D 508 -16.73 21.28 -17.11
C VAL D 508 -15.61 20.55 -16.37
N ILE D 509 -15.52 19.24 -16.57
CA ILE D 509 -14.56 18.40 -15.88
C ILE D 509 -13.88 17.52 -16.92
N GLU D 510 -12.56 17.55 -16.94
CA GLU D 510 -11.81 16.66 -17.82
C GLU D 510 -11.81 15.26 -17.25
N MET D 511 -12.03 14.28 -18.12
CA MET D 511 -12.21 12.89 -17.72
C MET D 511 -11.23 12.01 -18.48
N ALA D 512 -10.62 11.06 -17.76
CA ALA D 512 -9.63 10.16 -18.36
C ALA D 512 -10.36 8.92 -18.91
N ARG D 513 -11.01 9.11 -20.06
CA ARG D 513 -11.74 8.07 -20.75
C ARG D 513 -11.36 8.06 -22.22
N GLU D 514 -11.77 7.02 -22.94
CA GLU D 514 -11.31 6.75 -24.29
C GLU D 514 -12.47 6.74 -25.27
N THR D 515 -12.34 7.50 -26.36
CA THR D 515 -13.15 7.25 -27.55
C THR D 515 -12.42 6.22 -28.39
N ASN D 516 -13.16 5.22 -28.86
CA ASN D 516 -12.59 4.25 -29.78
C ASN D 516 -13.58 4.02 -30.90
N GLU D 517 -12.98 3.83 -32.08
CA GLU D 517 -13.67 3.43 -33.29
C GLU D 517 -13.75 1.88 -33.30
N ASP D 518 -14.28 1.33 -34.40
CA ASP D 518 -14.43 -0.12 -34.51
C ASP D 518 -13.14 -0.98 -34.49
N ASP D 519 -12.07 -0.50 -35.11
CA ASP D 519 -10.85 -1.28 -35.25
C ASP D 519 -10.13 -1.37 -33.90
N GLU D 520 -10.04 -0.25 -33.20
CA GLU D 520 -9.40 -0.24 -31.92
C GLU D 520 -10.18 -1.12 -30.97
N LYS D 521 -11.50 -1.00 -30.99
CA LYS D 521 -12.32 -1.78 -30.11
C LYS D 521 -12.13 -3.26 -30.28
N LYS D 522 -12.03 -3.72 -31.51
CA LYS D 522 -11.87 -5.14 -31.74
C LYS D 522 -10.56 -5.60 -31.16
N ALA D 523 -9.53 -4.80 -31.36
CA ALA D 523 -8.19 -5.09 -30.86
C ALA D 523 -8.17 -5.20 -29.35
N ILE D 524 -9.06 -4.48 -28.65
CA ILE D 524 -9.13 -4.60 -27.19
C ILE D 524 -9.67 -5.97 -26.79
N GLN D 525 -10.83 -6.34 -27.32
CA GLN D 525 -11.45 -7.59 -26.89
C GLN D 525 -10.70 -8.81 -27.38
N LYS D 526 -9.90 -8.68 -28.44
CA LYS D 526 -9.00 -9.77 -28.81
C LYS D 526 -7.86 -9.90 -27.81
N ILE D 527 -7.37 -8.77 -27.30
CA ILE D 527 -6.39 -8.80 -26.22
C ILE D 527 -7.03 -9.34 -24.96
N GLN D 528 -8.24 -8.87 -24.62
CA GLN D 528 -8.93 -9.40 -23.45
C GLN D 528 -9.30 -10.86 -23.63
N LYS D 529 -9.56 -11.29 -24.87
CA LYS D 529 -9.81 -12.70 -25.12
C LYS D 529 -8.53 -13.52 -24.96
N ALA D 530 -7.43 -13.04 -25.52
CA ALA D 530 -6.15 -13.74 -25.37
C ALA D 530 -5.74 -13.86 -23.91
N ASN D 531 -6.17 -12.92 -23.07
CA ASN D 531 -5.85 -12.99 -21.65
C ASN D 531 -6.58 -14.15 -20.99
N LYS D 532 -7.90 -14.27 -21.24
CA LYS D 532 -8.64 -15.39 -20.67
C LYS D 532 -8.22 -16.71 -21.31
N ASP D 533 -8.00 -16.70 -22.63
CA ASP D 533 -7.47 -17.89 -23.30
C ASP D 533 -6.19 -18.37 -22.64
N GLU D 534 -5.35 -17.42 -22.21
CA GLU D 534 -4.05 -17.79 -21.65
C GLU D 534 -4.19 -18.47 -20.29
N LYS D 535 -5.17 -18.04 -19.50
CA LYS D 535 -5.35 -18.66 -18.19
C LYS D 535 -5.90 -20.07 -18.32
N ASP D 536 -6.99 -20.24 -19.09
CA ASP D 536 -7.55 -21.58 -19.29
C ASP D 536 -6.52 -22.52 -19.90
N ALA D 537 -5.76 -22.03 -20.89
CA ALA D 537 -4.66 -22.83 -21.43
C ALA D 537 -3.67 -23.21 -20.34
N ALA D 538 -3.44 -22.31 -19.40
CA ALA D 538 -2.53 -22.61 -18.29
C ALA D 538 -3.17 -23.59 -17.31
N MET D 539 -4.46 -23.40 -17.01
CA MET D 539 -5.15 -24.33 -16.11
C MET D 539 -5.27 -25.71 -16.73
N LEU D 540 -5.55 -25.78 -18.03
CA LEU D 540 -5.63 -27.07 -18.72
C LEU D 540 -4.29 -27.78 -18.68
N LYS D 541 -3.21 -27.07 -18.99
CA LYS D 541 -1.88 -27.64 -18.92
C LYS D 541 -1.52 -28.00 -17.48
N ALA D 542 -2.05 -27.27 -16.51
CA ALA D 542 -1.84 -27.64 -15.11
C ALA D 542 -2.56 -28.94 -14.78
N ALA D 543 -3.79 -29.09 -15.27
CA ALA D 543 -4.57 -30.29 -14.95
C ALA D 543 -3.95 -31.54 -15.56
N ASN D 544 -3.61 -31.48 -16.85
CA ASN D 544 -3.09 -32.65 -17.54
C ASN D 544 -1.84 -33.18 -16.85
N GLN D 545 -0.94 -32.29 -16.45
CA GLN D 545 0.31 -32.74 -15.85
C GLN D 545 0.16 -33.08 -14.36
N TYR D 546 -0.99 -32.81 -13.75
CA TYR D 546 -1.22 -33.18 -12.36
C TYR D 546 -2.07 -34.45 -12.24
N ASN D 547 -3.25 -34.45 -12.86
CA ASN D 547 -4.12 -35.63 -12.89
C ASN D 547 -3.93 -36.45 -14.16
N GLY D 548 -3.88 -35.77 -15.31
CA GLY D 548 -4.23 -36.39 -16.57
C GLY D 548 -5.61 -35.89 -16.96
N LYS D 549 -6.47 -35.71 -15.95
CA LYS D 549 -7.77 -35.10 -16.17
C LYS D 549 -7.60 -33.64 -16.63
N ALA D 550 -8.70 -33.06 -17.09
CA ALA D 550 -8.67 -31.75 -17.75
C ALA D 550 -9.14 -30.62 -16.84
N GLU D 551 -9.41 -30.89 -15.58
CA GLU D 551 -9.77 -29.86 -14.62
C GLU D 551 -9.12 -30.22 -13.29
N LEU D 552 -8.83 -29.21 -12.50
CA LEU D 552 -8.11 -29.62 -11.31
C LEU D 552 -9.02 -29.61 -10.09
N PRO D 553 -8.85 -30.57 -9.18
CA PRO D 553 -9.78 -30.71 -8.05
C PRO D 553 -9.88 -29.43 -7.25
N HIS D 554 -11.03 -29.21 -6.66
CA HIS D 554 -11.22 -28.03 -5.90
C HIS D 554 -10.42 -28.05 -4.65
N SER D 555 -10.07 -29.23 -4.21
CA SER D 555 -9.34 -29.38 -2.98
C SER D 555 -8.02 -28.64 -3.04
N VAL D 556 -7.39 -28.63 -4.19
CA VAL D 556 -6.11 -27.96 -4.33
C VAL D 556 -6.16 -26.46 -4.08
N PHE D 557 -7.26 -25.82 -4.42
CA PHE D 557 -7.37 -24.39 -4.25
C PHE D 557 -7.76 -23.91 -2.87
N HIS D 558 -7.92 -24.81 -1.91
CA HIS D 558 -8.34 -24.38 -0.59
C HIS D 558 -7.19 -23.83 0.19
N GLY D 559 -7.27 -22.56 0.55
CA GLY D 559 -6.21 -21.97 1.29
C GLY D 559 -5.08 -21.58 0.38
N HIS D 560 -5.31 -21.69 -0.91
CA HIS D 560 -4.34 -21.34 -1.92
C HIS D 560 -5.14 -20.81 -3.07
N LYS D 561 -5.87 -19.76 -2.81
CA LYS D 561 -6.74 -19.17 -3.80
C LYS D 561 -5.99 -18.49 -4.91
N GLN D 562 -4.70 -18.30 -4.72
CA GLN D 562 -3.90 -17.63 -5.70
C GLN D 562 -3.28 -18.52 -6.74
N LEU D 563 -3.54 -19.80 -6.63
CA LEU D 563 -2.95 -20.82 -7.49
C LEU D 563 -3.12 -20.51 -8.96
N ALA D 564 -4.28 -19.98 -9.35
CA ALA D 564 -4.55 -19.74 -10.76
C ALA D 564 -3.56 -18.76 -11.36
N THR D 565 -3.29 -17.65 -10.66
CA THR D 565 -2.35 -16.67 -11.18
C THR D 565 -0.91 -17.20 -11.15
N LYS D 566 -0.54 -17.90 -10.08
CA LYS D 566 0.76 -18.56 -10.05
C LYS D 566 0.93 -19.51 -11.23
N ILE D 567 -0.09 -20.35 -11.47
CA ILE D 567 -0.05 -21.27 -12.60
C ILE D 567 0.05 -20.50 -13.91
N ARG D 568 -0.64 -19.37 -14.01
CA ARG D 568 -0.54 -18.56 -15.21
C ARG D 568 0.89 -18.05 -15.41
N LEU D 569 1.53 -17.58 -14.33
CA LEU D 569 2.94 -17.20 -14.41
C LEU D 569 3.80 -18.41 -14.76
N TRP D 570 3.60 -19.52 -14.05
CA TRP D 570 4.27 -20.78 -14.34
C TRP D 570 4.15 -21.16 -15.81
N HIS D 571 3.00 -20.87 -16.42
CA HIS D 571 2.80 -21.17 -17.83
C HIS D 571 3.58 -20.19 -18.71
N GLN D 572 3.61 -18.92 -18.32
CA GLN D 572 4.34 -17.92 -19.11
C GLN D 572 5.84 -18.19 -19.12
N GLN D 573 6.38 -18.71 -18.03
CA GLN D 573 7.82 -18.87 -17.85
C GLN D 573 8.33 -20.22 -18.35
N GLY D 574 7.55 -20.92 -19.16
CA GLY D 574 7.96 -22.25 -19.60
C GLY D 574 8.20 -23.21 -18.46
N GLU D 575 7.41 -23.10 -17.39
CA GLU D 575 7.50 -23.99 -16.23
C GLU D 575 8.87 -23.94 -15.57
N ARG D 576 9.53 -22.78 -15.61
CA ARG D 576 10.89 -22.67 -15.11
C ARG D 576 11.03 -21.43 -14.25
N CYS D 577 11.72 -21.59 -13.11
CA CYS D 577 12.10 -20.45 -12.28
C CYS D 577 13.21 -19.67 -12.96
N LEU D 578 12.95 -18.40 -13.27
CA LEU D 578 13.83 -17.61 -14.11
C LEU D 578 15.01 -17.00 -13.37
N TYR D 579 15.19 -17.31 -12.09
CA TYR D 579 16.37 -16.87 -11.36
C TYR D 579 17.32 -18.00 -11.03
N THR D 580 16.79 -19.17 -10.66
CA THR D 580 17.61 -20.36 -10.46
C THR D 580 17.81 -21.14 -11.75
N GLY D 581 16.80 -21.16 -12.62
CA GLY D 581 16.85 -21.98 -13.81
C GLY D 581 16.34 -23.38 -13.66
N LYS D 582 15.89 -23.77 -12.47
CA LYS D 582 15.31 -25.08 -12.26
C LYS D 582 13.87 -25.11 -12.78
N THR D 583 13.44 -26.29 -13.20
CA THR D 583 12.05 -26.46 -13.59
C THR D 583 11.16 -26.50 -12.37
N ILE D 584 9.94 -25.99 -12.53
CA ILE D 584 8.92 -26.03 -11.49
C ILE D 584 7.86 -27.02 -11.92
N SER D 585 7.59 -28.02 -11.08
CA SER D 585 6.56 -29.00 -11.33
C SER D 585 5.34 -28.68 -10.47
N ILE D 586 4.16 -28.65 -11.10
CA ILE D 586 2.93 -28.34 -10.40
C ILE D 586 2.71 -29.20 -9.17
N HIS D 587 3.35 -30.37 -9.12
CA HIS D 587 3.27 -31.19 -7.92
C HIS D 587 3.85 -30.46 -6.72
N ASP D 588 5.04 -29.86 -6.88
CA ASP D 588 5.56 -28.98 -5.85
C ASP D 588 4.72 -27.71 -5.74
N LEU D 589 4.34 -27.13 -6.87
CA LEU D 589 3.58 -25.89 -6.89
C LEU D 589 2.28 -26.00 -6.10
N ILE D 590 1.71 -27.20 -6.04
CA ILE D 590 0.44 -27.42 -5.36
C ILE D 590 0.63 -28.04 -3.98
N ASN D 591 1.48 -29.07 -3.88
CA ASN D 591 1.65 -29.80 -2.64
C ASN D 591 2.73 -29.21 -1.74
N ASN D 592 3.79 -28.67 -2.32
CA ASN D 592 4.85 -28.02 -1.55
C ASN D 592 4.91 -26.55 -1.91
N SER D 593 3.76 -25.89 -1.92
CA SER D 593 3.66 -24.52 -2.44
C SER D 593 4.50 -23.53 -1.63
N ASN D 594 4.89 -23.90 -0.41
CA ASN D 594 5.82 -23.08 0.38
C ASN D 594 7.07 -22.74 -0.41
N GLN D 595 7.60 -23.71 -1.16
CA GLN D 595 8.87 -23.55 -1.86
C GLN D 595 8.88 -22.40 -2.86
N PHE D 596 7.76 -21.70 -3.04
CA PHE D 596 7.68 -20.68 -4.07
C PHE D 596 7.06 -19.40 -3.53
N GLU D 597 7.44 -18.29 -4.15
CA GLU D 597 6.89 -16.96 -3.85
C GLU D 597 6.81 -16.20 -5.16
N VAL D 598 5.87 -15.27 -5.24
CA VAL D 598 5.67 -14.47 -6.45
C VAL D 598 6.48 -13.18 -6.27
N ASP D 599 7.58 -13.08 -6.99
CA ASP D 599 8.48 -11.95 -6.87
C ASP D 599 7.97 -10.77 -7.67
N ALA D 600 8.09 -9.58 -7.09
CA ALA D 600 7.99 -8.34 -7.86
C ALA D 600 9.34 -8.11 -8.52
N ILE D 601 9.38 -8.19 -9.85
CA ILE D 601 10.62 -8.14 -10.62
C ILE D 601 11.37 -6.87 -10.27
N LEU D 602 10.81 -5.72 -10.65
CA LEU D 602 11.29 -4.43 -10.18
C LEU D 602 10.61 -4.15 -8.85
N PRO D 603 11.34 -4.14 -7.73
CA PRO D 603 10.70 -4.18 -6.41
C PRO D 603 9.64 -3.11 -6.23
N LEU D 604 8.59 -3.46 -5.49
CA LEU D 604 7.50 -2.54 -5.22
C LEU D 604 7.96 -1.32 -4.42
N SER D 605 9.00 -1.48 -3.61
CA SER D 605 9.55 -0.35 -2.86
C SER D 605 9.94 0.79 -3.78
N ILE D 606 10.35 0.47 -5.00
CA ILE D 606 10.87 1.45 -5.94
C ILE D 606 9.83 1.85 -6.98
N THR D 607 9.11 0.86 -7.51
CA THR D 607 8.27 1.03 -8.69
C THR D 607 6.79 1.21 -8.35
N PHE D 608 6.29 0.50 -7.33
CA PHE D 608 4.87 0.44 -7.05
C PHE D 608 4.09 -0.07 -8.27
N ASP D 609 4.67 -1.04 -8.96
CA ASP D 609 4.02 -1.69 -10.09
C ASP D 609 3.50 -3.04 -9.61
N ASP D 610 2.19 -3.13 -9.40
CA ASP D 610 1.54 -4.35 -8.94
C ASP D 610 0.96 -5.17 -10.07
N SER D 611 1.31 -4.86 -11.32
CA SER D 611 0.72 -5.54 -12.46
C SER D 611 1.31 -6.93 -12.64
N LEU D 612 0.65 -7.74 -13.47
CA LEU D 612 1.13 -9.07 -13.77
C LEU D 612 2.48 -9.02 -14.49
N ALA D 613 2.72 -7.98 -15.28
CA ALA D 613 3.98 -7.85 -16.00
C ALA D 613 5.17 -7.64 -15.08
N ASN D 614 4.94 -7.25 -13.83
CA ASN D 614 6.00 -7.10 -12.84
C ASN D 614 6.02 -8.26 -11.86
N LYS D 615 5.65 -9.46 -12.30
CA LYS D 615 5.53 -10.61 -11.42
C LYS D 615 6.05 -11.86 -12.11
N VAL D 616 6.84 -12.64 -11.37
CA VAL D 616 7.24 -13.97 -11.79
C VAL D 616 7.09 -14.93 -10.61
N LEU D 617 7.05 -16.22 -10.92
CA LEU D 617 7.00 -17.26 -9.92
C LEU D 617 8.39 -17.89 -9.87
N VAL D 618 9.01 -17.87 -8.69
CA VAL D 618 10.36 -18.36 -8.49
C VAL D 618 10.40 -19.14 -7.19
N TYR D 619 11.46 -19.94 -7.03
CA TYR D 619 11.68 -20.60 -5.76
C TYR D 619 11.86 -19.57 -4.65
N ALA D 620 11.37 -19.92 -3.46
CA ALA D 620 11.33 -18.96 -2.35
C ALA D 620 12.72 -18.44 -2.01
N THR D 621 13.69 -19.34 -1.84
CA THR D 621 15.03 -18.92 -1.44
C THR D 621 15.67 -17.99 -2.46
N ALA D 622 15.27 -18.06 -3.73
CA ALA D 622 15.84 -17.17 -4.73
C ALA D 622 15.20 -15.79 -4.71
N ASN D 623 13.92 -15.70 -4.34
CA ASN D 623 13.30 -14.39 -4.15
C ASN D 623 13.95 -13.66 -2.98
N GLN D 624 14.28 -14.39 -1.91
CA GLN D 624 14.82 -13.76 -0.72
C GLN D 624 16.23 -13.22 -0.97
N GLU D 625 17.11 -14.03 -1.57
CA GLU D 625 18.45 -13.53 -1.84
C GLU D 625 18.44 -12.39 -2.84
N LYS D 626 17.51 -12.42 -3.80
CA LYS D 626 17.41 -11.32 -4.74
C LYS D 626 17.22 -9.99 -4.03
N GLY D 627 16.47 -10.00 -2.92
CA GLY D 627 16.24 -8.82 -2.12
C GLY D 627 15.61 -7.70 -2.93
N GLN D 628 15.87 -6.47 -2.47
CA GLN D 628 15.34 -5.28 -3.13
C GLN D 628 16.23 -4.93 -4.32
N ARG D 629 16.15 -5.75 -5.35
CA ARG D 629 17.00 -5.58 -6.52
C ARG D 629 16.24 -6.02 -7.76
N THR D 630 16.63 -5.46 -8.90
CA THR D 630 16.18 -5.96 -10.19
C THR D 630 16.91 -7.27 -10.46
N PRO D 631 16.44 -8.07 -11.42
CA PRO D 631 17.21 -9.26 -11.80
C PRO D 631 18.62 -8.91 -12.26
N TYR D 632 18.76 -7.84 -13.02
CA TYR D 632 20.07 -7.41 -13.49
C TYR D 632 20.99 -7.07 -12.33
N GLN D 633 20.52 -6.24 -11.40
CA GLN D 633 21.34 -5.85 -10.25
C GLN D 633 21.73 -7.04 -9.39
N ALA D 634 20.89 -8.08 -9.37
CA ALA D 634 21.01 -9.13 -8.36
C ALA D 634 21.53 -10.47 -8.89
N LEU D 635 21.28 -10.81 -10.15
CA LEU D 635 21.49 -12.19 -10.59
C LEU D 635 22.93 -12.63 -10.38
N ASP D 636 23.88 -11.99 -11.08
CA ASP D 636 25.27 -12.42 -11.02
C ASP D 636 25.85 -12.39 -9.61
N SER D 637 25.27 -11.60 -8.71
CA SER D 637 25.74 -11.56 -7.33
C SER D 637 25.20 -12.70 -6.48
N MET D 638 24.28 -13.50 -7.01
CA MET D 638 23.60 -14.52 -6.21
C MET D 638 24.33 -15.85 -6.28
N ASP D 639 24.42 -16.52 -5.13
CA ASP D 639 25.14 -17.78 -5.04
C ASP D 639 24.36 -18.92 -5.67
N ASP D 640 23.05 -18.97 -5.48
CA ASP D 640 22.20 -20.04 -5.99
C ASP D 640 21.33 -19.45 -7.10
N ALA D 641 21.92 -19.31 -8.28
CA ALA D 641 21.19 -18.65 -9.36
C ALA D 641 21.86 -18.89 -10.69
N TRP D 642 21.11 -18.61 -11.75
CA TRP D 642 21.58 -18.46 -13.11
C TRP D 642 22.66 -17.40 -13.24
N SER D 643 23.09 -17.18 -14.47
CA SER D 643 23.78 -15.95 -14.86
C SER D 643 22.79 -15.06 -15.58
N PHE D 644 23.09 -13.76 -15.58
CA PHE D 644 22.22 -12.82 -16.31
C PHE D 644 22.28 -13.07 -17.82
N ARG D 645 23.37 -13.64 -18.33
CA ARG D 645 23.43 -13.96 -19.75
C ARG D 645 22.52 -15.12 -20.09
N GLU D 646 22.43 -16.12 -19.20
CA GLU D 646 21.55 -17.25 -19.45
C GLU D 646 20.09 -16.82 -19.44
N LEU D 647 19.75 -15.82 -18.61
CA LEU D 647 18.40 -15.27 -18.63
C LEU D 647 18.19 -14.38 -19.84
N LYS D 648 19.17 -13.50 -20.15
CA LYS D 648 19.10 -12.72 -21.38
C LYS D 648 18.84 -13.62 -22.58
N ALA D 649 19.43 -14.82 -22.57
CA ALA D 649 19.14 -15.83 -23.58
C ALA D 649 17.69 -16.25 -23.51
N PHE D 650 17.31 -16.96 -22.44
CA PHE D 650 15.99 -17.61 -22.36
C PHE D 650 14.84 -16.63 -22.64
N VAL D 651 14.95 -15.38 -22.18
CA VAL D 651 13.78 -14.50 -22.26
C VAL D 651 13.40 -14.22 -23.71
N ARG D 652 14.38 -13.93 -24.57
CA ARG D 652 14.04 -13.67 -25.97
C ARG D 652 13.95 -14.93 -26.81
N GLU D 653 14.47 -16.06 -26.33
CA GLU D 653 14.23 -17.33 -27.00
C GLU D 653 12.82 -17.85 -26.75
N SER D 654 12.22 -17.33 -25.68
CA SER D 654 10.88 -17.64 -25.23
C SER D 654 9.80 -16.82 -25.93
N LYS D 655 8.75 -17.48 -26.36
CA LYS D 655 7.65 -16.82 -27.03
C LYS D 655 6.38 -16.64 -26.19
N THR D 656 6.40 -17.11 -24.95
CA THR D 656 5.24 -16.97 -24.08
C THR D 656 5.22 -15.75 -23.20
N LEU D 657 6.40 -15.22 -22.91
CA LEU D 657 6.52 -14.06 -22.05
C LEU D 657 6.07 -12.84 -22.75
N SER D 658 5.47 -11.95 -21.99
CA SER D 658 4.97 -10.71 -22.51
C SER D 658 6.08 -9.76 -22.85
N ASN D 659 5.78 -8.81 -23.71
CA ASN D 659 6.75 -7.82 -24.07
C ASN D 659 7.11 -6.96 -22.88
N LYS D 660 6.12 -6.55 -22.14
CA LYS D 660 6.34 -5.72 -20.98
C LYS D 660 7.11 -6.52 -19.97
N LYS D 661 6.80 -7.77 -19.86
CA LYS D 661 7.48 -8.57 -18.85
C LYS D 661 8.95 -8.79 -19.20
N LYS D 662 9.27 -8.90 -20.50
CA LYS D 662 10.67 -9.04 -20.89
C LYS D 662 11.43 -7.75 -20.66
N GLU D 663 10.82 -6.61 -21.00
CA GLU D 663 11.42 -5.31 -20.72
C GLU D 663 11.84 -5.18 -19.27
N TYR D 664 10.99 -5.68 -18.36
CA TYR D 664 11.25 -5.54 -16.93
C TYR D 664 12.31 -6.53 -16.45
N LEU D 665 12.31 -7.75 -17.00
CA LEU D 665 13.26 -8.76 -16.54
C LEU D 665 14.70 -8.41 -16.87
N LEU D 666 14.94 -7.52 -17.84
CA LEU D 666 16.27 -7.36 -18.41
C LEU D 666 16.82 -5.95 -18.39
N THR D 667 16.12 -4.96 -17.83
CA THR D 667 16.60 -3.58 -17.97
C THR D 667 17.75 -3.35 -17.00
N GLU D 668 18.90 -2.97 -17.54
CA GLU D 668 20.14 -2.73 -16.81
C GLU D 668 20.19 -1.35 -16.20
N GLU D 669 19.08 -0.91 -15.63
CA GLU D 669 18.91 0.44 -15.12
C GLU D 669 19.07 0.42 -13.60
N ASP D 670 19.99 1.23 -13.10
CA ASP D 670 20.30 1.23 -11.67
C ASP D 670 19.24 2.01 -10.89
N ILE D 671 17.99 1.66 -11.15
CA ILE D 671 16.87 2.33 -10.54
C ILE D 671 16.90 2.29 -9.05
N SER D 672 16.34 3.33 -8.42
CA SER D 672 16.31 3.38 -6.98
C SER D 672 15.20 4.23 -6.44
N LYS D 673 15.08 4.17 -5.13
CA LYS D 673 14.08 4.87 -4.37
C LYS D 673 14.08 6.38 -4.51
N PHE D 674 15.23 6.97 -4.72
CA PHE D 674 15.30 8.41 -4.78
C PHE D 674 15.65 8.96 -6.13
N ASP D 675 14.83 8.65 -7.11
CA ASP D 675 15.04 9.13 -8.46
C ASP D 675 14.03 10.21 -8.83
N VAL D 676 14.22 10.84 -9.97
CA VAL D 676 13.30 11.87 -10.39
C VAL D 676 12.78 11.63 -11.79
N ILE D 681 2.84 6.43 -12.11
CA ILE D 681 2.51 5.02 -11.95
C ILE D 681 1.01 4.82 -12.15
N GLU D 682 0.59 3.56 -12.27
CA GLU D 682 -0.79 3.24 -12.62
C GLU D 682 -1.77 3.68 -11.54
N ARG D 683 -1.41 3.48 -10.27
CA ARG D 683 -2.29 3.88 -9.17
C ARG D 683 -2.71 5.34 -9.26
N ASN D 684 -1.86 6.19 -9.84
CA ASN D 684 -2.21 7.60 -9.99
C ASN D 684 -3.33 7.79 -11.01
N LEU D 685 -3.39 6.94 -12.03
CA LEU D 685 -4.45 7.05 -13.02
C LEU D 685 -5.77 6.52 -12.46
N VAL D 686 -5.72 5.38 -11.75
CA VAL D 686 -6.91 4.86 -11.08
C VAL D 686 -7.57 5.94 -10.24
N ASP D 687 -6.79 6.65 -9.46
CA ASP D 687 -7.34 7.61 -8.52
C ASP D 687 -7.80 8.90 -9.17
N THR D 688 -7.23 9.26 -10.31
CA THR D 688 -7.70 10.45 -11.02
C THR D 688 -9.11 10.21 -11.57
N ARG D 689 -9.31 9.05 -12.20
CA ARG D 689 -10.63 8.69 -12.70
C ARG D 689 -11.64 8.56 -11.57
N TYR D 690 -11.25 7.88 -10.50
CA TYR D 690 -12.13 7.72 -9.35
C TYR D 690 -12.54 9.07 -8.80
N ALA D 691 -11.57 9.95 -8.58
CA ALA D 691 -11.88 11.26 -8.00
C ALA D 691 -12.66 12.13 -8.97
N SER D 692 -12.29 12.13 -10.26
CA SER D 692 -13.01 12.92 -11.23
C SER D 692 -14.45 12.46 -11.39
N ARG D 693 -14.66 11.17 -11.41
CA ARG D 693 -15.98 10.68 -11.55
C ARG D 693 -16.86 11.00 -10.37
N VAL D 694 -16.37 10.75 -9.17
CA VAL D 694 -17.17 10.98 -7.97
C VAL D 694 -17.71 12.39 -7.93
N VAL D 695 -16.85 13.37 -8.20
CA VAL D 695 -17.26 14.77 -8.14
C VAL D 695 -18.27 15.08 -9.23
N LEU D 696 -18.00 14.63 -10.45
CA LEU D 696 -18.89 14.91 -11.58
C LEU D 696 -20.31 14.46 -11.30
N ASN D 697 -20.46 13.23 -10.82
CA ASN D 697 -21.79 12.73 -10.49
C ASN D 697 -22.37 13.44 -9.28
N ALA D 698 -21.54 13.73 -8.27
CA ALA D 698 -22.02 14.46 -7.11
C ALA D 698 -22.47 15.86 -7.46
N LEU D 699 -22.01 16.41 -8.59
CA LEU D 699 -22.48 17.71 -9.04
C LEU D 699 -23.83 17.61 -9.75
N GLN D 700 -23.94 16.72 -10.74
CA GLN D 700 -25.19 16.62 -11.48
C GLN D 700 -26.33 16.14 -10.60
N GLU D 701 -26.03 15.36 -9.55
CA GLU D 701 -27.04 15.08 -8.55
C GLU D 701 -27.44 16.35 -7.81
N HIS D 702 -26.46 17.21 -7.50
CA HIS D 702 -26.75 18.46 -6.80
C HIS D 702 -27.53 19.42 -7.69
N PHE D 703 -27.12 19.56 -8.95
CA PHE D 703 -27.80 20.45 -9.89
C PHE D 703 -29.04 19.81 -10.51
N ARG D 704 -29.53 18.73 -9.91
CA ARG D 704 -30.84 18.18 -10.21
C ARG D 704 -31.76 18.31 -9.01
N ALA D 705 -31.40 17.69 -7.88
CA ALA D 705 -32.30 17.59 -6.74
C ALA D 705 -32.69 18.96 -6.21
N HIS D 706 -31.75 19.89 -6.13
CA HIS D 706 -32.05 21.24 -5.70
C HIS D 706 -32.43 22.14 -6.87
N LYS D 707 -32.34 21.62 -8.09
CA LYS D 707 -32.95 22.24 -9.27
C LYS D 707 -32.44 23.65 -9.52
N ILE D 708 -31.13 23.76 -9.71
CA ILE D 708 -30.54 24.98 -10.23
C ILE D 708 -30.21 24.84 -11.71
N ASP D 709 -30.03 23.61 -12.19
CA ASP D 709 -29.87 23.32 -13.62
C ASP D 709 -28.72 24.13 -14.22
N THR D 710 -27.59 24.09 -13.54
CA THR D 710 -26.32 24.39 -14.17
C THR D 710 -25.92 23.19 -15.00
N LYS D 711 -25.70 23.40 -16.29
CA LYS D 711 -25.22 22.31 -17.14
C LYS D 711 -23.91 21.76 -16.57
N VAL D 712 -23.69 20.47 -16.75
CA VAL D 712 -22.51 19.79 -16.26
C VAL D 712 -21.98 18.93 -17.40
N SER D 713 -20.87 19.34 -18.00
CA SER D 713 -20.34 18.68 -19.19
C SER D 713 -18.96 18.07 -18.90
N VAL D 714 -18.33 17.55 -19.95
CA VAL D 714 -17.22 16.61 -19.83
C VAL D 714 -16.30 16.75 -21.03
N VAL D 715 -15.00 16.59 -20.81
CA VAL D 715 -14.00 16.60 -21.87
C VAL D 715 -12.97 15.52 -21.58
N ARG D 716 -12.36 15.00 -22.64
CA ARG D 716 -11.29 14.01 -22.55
C ARG D 716 -9.92 14.64 -22.79
N GLY D 717 -8.89 13.89 -22.39
CA GLY D 717 -7.53 14.35 -22.59
C GLY D 717 -7.11 14.37 -24.04
N GLN D 718 -7.64 13.45 -24.86
CA GLN D 718 -7.27 13.43 -26.27
C GLN D 718 -7.71 14.70 -26.97
N PHE D 719 -8.77 15.36 -26.49
CA PHE D 719 -9.23 16.59 -27.10
C PHE D 719 -8.49 17.81 -26.58
N THR D 720 -8.28 17.89 -25.27
CA THR D 720 -7.57 19.04 -24.70
C THR D 720 -6.10 19.06 -25.12
N SER D 721 -5.43 17.90 -25.06
CA SER D 721 -4.01 17.84 -25.39
C SER D 721 -3.75 18.24 -26.82
N GLN D 722 -4.66 17.93 -27.73
CA GLN D 722 -4.52 18.29 -29.13
C GLN D 722 -5.01 19.69 -29.43
N LEU D 723 -6.04 20.17 -28.73
CA LEU D 723 -6.38 21.58 -28.83
C LEU D 723 -5.22 22.45 -28.38
N ARG D 724 -4.54 22.06 -27.29
CA ARG D 724 -3.32 22.75 -26.88
C ARG D 724 -2.32 22.79 -28.03
N ARG D 725 -2.20 21.70 -28.76
CA ARG D 725 -1.33 21.69 -29.94
C ARG D 725 -1.91 22.57 -31.05
N HIS D 726 -3.21 22.46 -31.31
CA HIS D 726 -3.83 23.27 -32.36
C HIS D 726 -3.86 24.74 -31.95
N TRP D 727 -4.18 25.04 -30.70
CA TRP D 727 -4.13 26.40 -30.20
C TRP D 727 -2.68 26.79 -29.91
N GLY D 728 -2.50 27.89 -29.20
CA GLY D 728 -1.16 28.44 -29.01
C GLY D 728 -0.39 27.92 -27.81
N ILE D 729 -1.06 27.82 -26.67
CA ILE D 729 -0.45 27.63 -25.35
C ILE D 729 0.72 26.67 -25.37
N GLU D 730 1.87 27.13 -24.87
CA GLU D 730 3.07 26.31 -24.71
C GLU D 730 3.24 26.03 -23.22
N LYS D 731 3.06 24.77 -22.83
CA LYS D 731 3.12 24.38 -21.43
C LYS D 731 4.56 24.42 -20.94
N THR D 732 4.84 25.27 -19.96
CA THR D 732 6.21 25.53 -19.56
C THR D 732 6.72 24.48 -18.56
N ARG D 733 7.99 24.61 -18.21
CA ARG D 733 8.77 23.55 -17.59
C ARG D 733 8.60 23.54 -16.08
N ASP D 734 8.27 22.37 -15.53
CA ASP D 734 8.38 22.08 -14.10
C ASP D 734 7.76 23.18 -13.23
N THR D 735 6.55 23.61 -13.58
CA THR D 735 5.88 24.60 -12.76
C THR D 735 4.37 24.45 -12.86
N TYR D 736 3.69 24.87 -11.80
CA TYR D 736 2.27 24.63 -11.58
C TYR D 736 1.36 25.53 -12.39
N HIS D 737 1.91 26.30 -13.34
CA HIS D 737 1.06 27.15 -14.17
C HIS D 737 0.15 26.32 -15.06
N HIS D 738 0.65 25.19 -15.56
CA HIS D 738 -0.07 24.41 -16.57
C HIS D 738 -1.40 23.87 -16.05
N HIS D 739 -1.63 23.86 -14.73
CA HIS D 739 -2.90 23.38 -14.22
C HIS D 739 -4.02 24.40 -14.45
N ALA D 740 -3.74 25.68 -14.20
CA ALA D 740 -4.73 26.71 -14.48
C ALA D 740 -5.04 26.78 -15.97
N VAL D 741 -4.03 26.61 -16.82
CA VAL D 741 -4.24 26.66 -18.26
C VAL D 741 -4.99 25.40 -18.73
N ASP D 742 -4.65 24.24 -18.17
CA ASP D 742 -5.40 23.04 -18.46
C ASP D 742 -6.89 23.26 -18.21
N ALA D 743 -7.23 23.91 -17.10
CA ALA D 743 -8.63 24.10 -16.73
C ALA D 743 -9.34 25.06 -17.68
N LEU D 744 -8.67 26.14 -18.06
CA LEU D 744 -9.28 27.10 -18.99
C LEU D 744 -9.54 26.45 -20.34
N ILE D 745 -8.58 25.66 -20.83
CA ILE D 745 -8.80 24.91 -22.06
C ILE D 745 -10.00 23.99 -21.89
N ILE D 746 -10.17 23.42 -20.70
CA ILE D 746 -11.36 22.60 -20.42
C ILE D 746 -12.62 23.46 -20.50
N ALA D 747 -12.61 24.61 -19.83
CA ALA D 747 -13.78 25.49 -19.85
C ALA D 747 -14.09 25.96 -21.26
N ALA D 748 -13.07 26.22 -22.07
CA ALA D 748 -13.29 26.70 -23.43
C ALA D 748 -13.82 25.58 -24.33
N SER D 749 -13.32 24.36 -24.14
CA SER D 749 -13.73 23.24 -25.00
C SER D 749 -15.23 23.02 -24.98
N SER D 750 -15.93 23.43 -23.93
CA SER D 750 -17.38 23.26 -23.86
C SER D 750 -18.09 24.28 -24.73
N GLN D 751 -17.93 25.57 -24.43
CA GLN D 751 -18.64 26.62 -25.15
C GLN D 751 -18.02 26.89 -26.51
N LEU D 752 -17.36 25.88 -27.09
CA LEU D 752 -16.71 26.02 -28.39
C LEU D 752 -17.68 25.88 -29.55
N ASN D 753 -18.93 25.54 -29.30
CA ASN D 753 -19.92 25.48 -30.37
C ASN D 753 -20.20 26.83 -30.99
N LEU D 754 -19.72 27.92 -30.38
CA LEU D 754 -19.92 29.27 -30.92
C LEU D 754 -19.47 29.36 -32.38
N ALA D 791 -14.18 37.86 -32.46
CA ALA D 791 -13.80 38.60 -31.26
C ALA D 791 -13.49 37.68 -30.05
N PRO D 792 -14.48 36.90 -29.60
CA PRO D 792 -14.31 36.18 -28.31
C PRO D 792 -13.47 34.92 -28.40
N TYR D 793 -13.70 34.10 -29.43
CA TYR D 793 -12.77 33.01 -29.72
C TYR D 793 -11.36 33.54 -29.91
N GLN D 794 -11.23 34.65 -30.62
CA GLN D 794 -9.93 35.31 -30.75
C GLN D 794 -9.42 35.80 -29.40
N HIS D 795 -10.22 36.65 -28.74
CA HIS D 795 -9.76 37.28 -27.50
C HIS D 795 -9.31 36.27 -26.47
N PHE D 796 -10.04 35.16 -26.32
CA PHE D 796 -9.70 34.17 -25.30
C PHE D 796 -8.30 33.61 -25.54
N VAL D 797 -8.01 33.18 -26.77
CA VAL D 797 -6.70 32.60 -27.05
C VAL D 797 -5.61 33.68 -27.02
N ASP D 798 -5.96 34.93 -27.32
CA ASP D 798 -5.01 36.02 -27.14
C ASP D 798 -4.64 36.18 -25.68
N THR D 799 -5.64 36.45 -24.83
CA THR D 799 -5.43 36.50 -23.39
C THR D 799 -4.63 35.32 -22.87
N LEU D 800 -4.79 34.16 -23.50
CA LEU D 800 -4.14 32.94 -23.04
C LEU D 800 -2.63 32.99 -23.29
N LYS D 801 -2.23 33.17 -24.55
CA LYS D 801 -0.84 33.08 -24.94
C LYS D 801 -0.07 34.39 -24.75
N SER D 802 -0.59 35.30 -23.93
CA SER D 802 0.02 36.62 -23.77
C SER D 802 1.10 36.61 -22.69
N LYS D 803 2.05 37.52 -22.82
CA LYS D 803 3.17 37.60 -21.87
C LYS D 803 2.67 37.91 -20.46
N GLU D 804 1.68 38.79 -20.34
CA GLU D 804 1.15 39.19 -19.05
C GLU D 804 0.15 38.20 -18.47
N PHE D 805 0.14 36.95 -18.96
CA PHE D 805 -0.80 35.95 -18.48
C PHE D 805 -0.21 35.03 -17.44
N GLU D 806 0.93 34.39 -17.74
CA GLU D 806 1.48 33.38 -16.85
C GLU D 806 1.88 33.97 -15.50
N ASP D 807 2.25 35.25 -15.46
CA ASP D 807 2.59 35.91 -14.22
C ASP D 807 1.39 36.53 -13.52
N SER D 808 0.18 36.21 -13.96
CA SER D 808 -1.04 36.63 -13.29
C SER D 808 -1.78 35.47 -12.65
N ILE D 809 -1.30 34.24 -12.83
CA ILE D 809 -1.93 33.06 -12.26
C ILE D 809 -1.72 33.06 -10.75
N LEU D 810 -2.76 32.68 -10.01
CA LEU D 810 -2.70 32.60 -8.57
C LEU D 810 -2.51 31.16 -8.12
N PHE D 811 -1.90 31.00 -6.95
CA PHE D 811 -1.61 29.69 -6.40
C PHE D 811 -2.09 29.62 -4.96
N SER D 812 -2.64 28.48 -4.58
CA SER D 812 -3.05 28.24 -3.21
C SER D 812 -2.70 26.82 -2.86
N TYR D 813 -1.98 26.65 -1.77
CA TYR D 813 -1.53 25.33 -1.33
C TYR D 813 -2.30 24.94 -0.08
N GLN D 814 -2.52 23.64 0.08
CA GLN D 814 -3.10 23.14 1.32
C GLN D 814 -2.00 23.03 2.37
N VAL D 815 -2.23 23.64 3.50
CA VAL D 815 -1.27 23.62 4.59
C VAL D 815 -1.36 22.28 5.32
N ASP D 816 -0.21 21.78 5.77
CA ASP D 816 -0.16 20.57 6.58
C ASP D 816 0.17 20.99 8.01
N SER D 817 -0.83 20.89 8.89
CA SER D 817 -0.65 21.15 10.31
C SER D 817 -0.59 19.86 11.12
N LYS D 818 -0.75 18.71 10.48
CA LYS D 818 -0.85 17.46 11.20
C LYS D 818 0.43 17.17 11.96
N PHE D 819 0.28 16.71 13.21
CA PHE D 819 1.39 16.26 14.00
C PHE D 819 1.42 14.73 14.03
N ASN D 820 2.44 14.20 14.69
CA ASN D 820 2.68 12.75 14.78
C ASN D 820 2.71 12.11 13.41
N ARG D 821 3.55 12.66 12.54
CA ARG D 821 3.90 11.99 11.31
C ARG D 821 5.15 11.16 11.56
N LYS D 822 5.74 10.64 10.50
CA LYS D 822 7.04 9.97 10.60
C LYS D 822 8.05 10.91 11.24
N ILE D 823 8.70 10.43 12.30
CA ILE D 823 9.50 11.31 13.14
C ILE D 823 10.96 11.38 12.68
N SER D 824 11.51 10.31 12.12
CA SER D 824 12.93 10.28 11.81
C SER D 824 13.19 9.17 10.81
N ASP D 825 14.47 8.95 10.50
CA ASP D 825 14.87 7.78 9.76
C ASP D 825 14.71 6.54 10.62
N ALA D 826 14.53 5.41 9.96
CA ALA D 826 14.38 4.15 10.68
C ALA D 826 15.70 3.62 11.22
N THR D 827 16.82 3.98 10.61
CA THR D 827 18.10 3.39 10.97
C THR D 827 18.46 3.69 12.40
N ILE D 828 18.88 2.66 13.11
CA ILE D 828 19.28 2.77 14.51
C ILE D 828 20.79 2.84 14.52
N TYR D 829 21.33 4.01 14.90
CA TYR D 829 22.75 4.32 14.77
C TYR D 829 23.47 4.12 16.09
N ALA D 830 24.65 3.50 16.01
CA ALA D 830 25.54 3.42 17.14
C ALA D 830 26.48 4.63 17.16
N THR D 831 27.08 4.87 18.32
CA THR D 831 28.04 5.95 18.48
C THR D 831 29.27 5.44 19.23
N ARG D 832 30.39 6.11 18.99
CA ARG D 832 31.63 5.87 19.73
C ARG D 832 32.37 7.18 19.95
N GLN D 833 33.25 7.17 20.94
CA GLN D 833 34.16 8.26 21.22
C GLN D 833 35.47 8.04 20.47
N ALA D 834 35.88 9.01 19.67
CA ALA D 834 37.10 8.85 18.87
C ALA D 834 37.60 10.21 18.40
N LYS D 835 38.85 10.23 17.95
CA LYS D 835 39.46 11.41 17.33
C LYS D 835 39.64 11.14 15.85
N VAL D 836 39.01 11.96 15.02
CA VAL D 836 39.03 11.77 13.57
C VAL D 836 39.40 13.09 12.91
N GLY D 837 40.26 13.01 11.89
CA GLY D 837 40.63 14.21 11.15
C GLY D 837 41.42 15.16 12.01
N LYS D 838 40.95 16.41 12.07
CA LYS D 838 41.55 17.42 12.95
C LYS D 838 40.80 17.43 14.29
N ASP D 839 40.91 16.32 15.00
CA ASP D 839 40.43 16.21 16.37
C ASP D 839 41.61 15.81 17.23
N LYS D 840 41.83 16.54 18.34
CA LYS D 840 42.78 16.09 19.34
C LYS D 840 42.14 16.03 20.73
N ALA D 841 40.83 16.25 20.82
CA ALA D 841 40.03 15.81 21.94
C ALA D 841 39.01 14.79 21.44
N ASP D 842 38.64 13.86 22.32
CA ASP D 842 37.64 12.85 21.95
C ASP D 842 36.31 13.52 21.63
N GLU D 843 35.64 13.00 20.61
CA GLU D 843 34.32 13.48 20.20
C GLU D 843 33.41 12.29 19.98
N THR D 844 32.09 12.54 19.97
CA THR D 844 31.10 11.50 19.76
C THR D 844 30.81 11.37 18.27
N TYR D 845 31.07 10.19 17.72
CA TYR D 845 30.90 9.94 16.30
C TYR D 845 29.79 8.93 16.07
N VAL D 846 29.01 9.17 15.04
CA VAL D 846 28.00 8.21 14.61
C VAL D 846 28.66 7.22 13.66
N LEU D 847 28.39 5.94 13.87
CA LEU D 847 28.95 4.89 13.03
C LEU D 847 28.12 4.69 11.78
N GLY D 848 28.81 4.35 10.70
CA GLY D 848 28.19 3.79 9.52
C GLY D 848 28.64 2.35 9.36
N LYS D 849 28.14 1.72 8.31
CA LYS D 849 28.54 0.35 8.04
C LYS D 849 28.36 0.05 6.57
N ILE D 850 29.39 -0.52 5.96
CA ILE D 850 29.28 -1.11 4.63
C ILE D 850 28.74 -2.52 4.83
N LYS D 851 27.49 -2.75 4.42
CA LYS D 851 26.84 -4.02 4.69
C LYS D 851 27.58 -5.18 4.03
N ASP D 852 27.89 -5.04 2.74
CA ASP D 852 28.54 -6.10 1.98
C ASP D 852 29.68 -5.49 1.16
N ILE D 853 30.93 -5.83 1.51
CA ILE D 853 32.06 -5.34 0.74
C ILE D 853 32.17 -6.00 -0.62
N TYR D 854 31.46 -7.11 -0.83
CA TYR D 854 31.64 -7.89 -2.05
C TYR D 854 30.75 -7.39 -3.20
N THR D 855 29.86 -6.46 -2.95
CA THR D 855 29.19 -5.75 -4.03
C THR D 855 30.02 -4.54 -4.45
N GLN D 856 29.82 -4.09 -5.68
CA GLN D 856 30.57 -2.94 -6.16
C GLN D 856 30.16 -1.67 -5.41
N ASP D 857 28.87 -1.55 -5.06
CA ASP D 857 28.47 -0.46 -4.18
C ASP D 857 29.17 -0.55 -2.83
N GLY D 858 29.50 -1.76 -2.39
CA GLY D 858 30.26 -1.90 -1.14
C GLY D 858 31.71 -1.48 -1.31
N TYR D 859 32.34 -1.91 -2.40
CA TYR D 859 33.73 -1.53 -2.64
C TYR D 859 33.85 -0.06 -3.01
N ASP D 860 32.87 0.45 -3.77
CA ASP D 860 32.83 1.88 -4.06
C ASP D 860 32.86 2.69 -2.77
N ALA D 861 31.99 2.35 -1.82
CA ALA D 861 31.96 3.05 -0.55
C ALA D 861 33.26 2.84 0.22
N PHE D 862 33.86 1.65 0.11
CA PHE D 862 35.13 1.39 0.78
C PHE D 862 36.19 2.37 0.30
N MET D 863 36.29 2.60 -1.01
CA MET D 863 37.38 3.41 -1.55
C MET D 863 37.23 4.88 -1.19
N LYS D 864 36.00 5.40 -1.23
CA LYS D 864 35.78 6.78 -0.81
C LYS D 864 36.31 7.02 0.60
N ILE D 865 36.01 6.11 1.51
CA ILE D 865 36.51 6.22 2.88
C ILE D 865 38.02 5.96 2.91
N TYR D 866 38.48 4.98 2.15
CA TYR D 866 39.89 4.62 2.14
C TYR D 866 40.75 5.77 1.64
N LYS D 867 40.34 6.38 0.52
CA LYS D 867 41.09 7.50 -0.03
C LYS D 867 41.11 8.70 0.90
N LYS D 868 40.04 8.92 1.66
CA LYS D 868 39.93 10.14 2.45
C LYS D 868 40.60 10.00 3.81
N ASP D 869 40.39 8.85 4.49
CA ASP D 869 40.97 8.62 5.80
C ASP D 869 40.82 7.15 6.21
N LYS D 870 41.85 6.34 5.96
CA LYS D 870 41.79 4.93 6.32
C LYS D 870 41.51 4.72 7.81
N SER D 871 41.90 5.69 8.65
CA SER D 871 41.67 5.53 10.08
C SER D 871 40.21 5.63 10.46
N LYS D 872 39.31 5.86 9.49
CA LYS D 872 37.87 5.88 9.78
C LYS D 872 37.35 4.48 10.03
N PHE D 873 37.79 3.50 9.24
CA PHE D 873 37.41 2.11 9.47
C PHE D 873 37.85 1.67 10.86
N LEU D 874 36.90 1.17 11.65
CA LEU D 874 37.24 0.69 12.99
C LEU D 874 38.20 -0.49 12.95
N MET D 875 38.28 -1.20 11.83
CA MET D 875 39.24 -2.31 11.77
C MET D 875 40.66 -1.78 11.73
N TYR D 876 40.90 -0.70 10.98
CA TYR D 876 42.19 -0.02 11.00
C TYR D 876 42.64 0.26 12.42
N ARG D 877 41.73 0.72 13.27
CA ARG D 877 42.08 1.14 14.62
C ARG D 877 42.16 -0.02 15.60
N HIS D 878 41.24 -0.98 15.53
CA HIS D 878 41.11 -2.01 16.54
C HIS D 878 41.56 -3.39 16.05
N ASP D 879 41.91 -3.53 14.79
CA ASP D 879 42.45 -4.79 14.28
C ASP D 879 43.40 -4.51 13.13
N PRO D 880 44.51 -3.82 13.39
CA PRO D 880 45.37 -3.40 12.27
C PRO D 880 46.05 -4.54 11.58
N GLN D 881 46.24 -5.68 12.27
CA GLN D 881 46.76 -6.86 11.60
C GLN D 881 45.93 -7.22 10.37
N THR D 882 44.62 -7.36 10.56
CA THR D 882 43.75 -7.69 9.43
C THR D 882 43.80 -6.59 8.36
N PHE D 883 43.78 -5.33 8.78
CA PHE D 883 43.68 -4.27 7.79
C PHE D 883 44.90 -4.22 6.88
N GLU D 884 46.09 -4.33 7.45
CA GLU D 884 47.31 -4.17 6.65
C GLU D 884 47.88 -5.48 6.14
N LYS D 885 47.58 -6.61 6.77
CA LYS D 885 48.09 -7.89 6.29
C LYS D 885 47.10 -8.65 5.41
N VAL D 886 45.81 -8.33 5.46
CA VAL D 886 44.79 -9.03 4.70
C VAL D 886 44.11 -8.13 3.69
N ILE D 887 43.64 -6.96 4.13
CA ILE D 887 42.83 -6.12 3.25
C ILE D 887 43.71 -5.34 2.28
N GLU D 888 44.75 -4.67 2.78
CA GLU D 888 45.65 -3.92 1.91
C GLU D 888 46.28 -4.78 0.83
N PRO D 889 46.83 -5.97 1.11
CA PRO D 889 47.36 -6.81 0.02
C PRO D 889 46.36 -7.08 -1.09
N ILE D 890 45.08 -7.27 -0.75
CA ILE D 890 44.08 -7.57 -1.75
C ILE D 890 43.94 -6.42 -2.74
N LEU D 891 43.92 -5.18 -2.24
CA LEU D 891 43.86 -4.04 -3.14
C LEU D 891 45.11 -3.90 -4.00
N GLU D 892 46.18 -4.63 -3.67
CA GLU D 892 47.38 -4.62 -4.50
C GLU D 892 47.33 -5.71 -5.58
N ASN D 893 46.95 -6.89 -5.17
CA ASN D 893 46.93 -8.03 -6.04
C ASN D 893 45.63 -8.40 -6.73
N TYR D 894 44.61 -7.56 -6.69
CA TYR D 894 43.37 -7.90 -7.37
C TYR D 894 42.95 -6.88 -8.38
N PRO D 895 42.32 -7.36 -9.44
CA PRO D 895 41.95 -6.59 -10.64
C PRO D 895 41.43 -5.16 -10.58
N ASN D 896 40.21 -4.87 -10.12
CA ASN D 896 39.73 -3.49 -10.06
C ASN D 896 39.26 -2.89 -11.40
N LYS D 897 39.14 -3.71 -12.43
CA LYS D 897 38.71 -3.22 -13.73
C LYS D 897 38.88 -4.27 -14.81
N VAL D 906 34.50 -0.54 -17.09
CA VAL D 906 33.98 -1.68 -16.34
C VAL D 906 34.76 -2.01 -15.08
N PRO D 907 34.44 -1.24 -13.98
CA PRO D 907 35.17 -1.58 -12.75
C PRO D 907 34.66 -2.88 -12.19
N CYS D 908 35.42 -3.47 -11.32
CA CYS D 908 35.11 -4.72 -10.68
C CYS D 908 35.58 -4.52 -9.30
N ASN D 909 35.22 -5.42 -8.39
CA ASN D 909 35.56 -5.32 -7.00
C ASN D 909 36.66 -6.26 -6.60
N PRO D 910 37.83 -5.75 -6.28
CA PRO D 910 38.90 -6.67 -5.88
C PRO D 910 38.49 -7.67 -4.81
N PHE D 911 37.71 -7.26 -3.81
CA PHE D 911 37.30 -8.18 -2.76
C PHE D 911 36.50 -9.35 -3.32
N LEU D 912 35.67 -9.09 -4.33
CA LEU D 912 34.85 -10.15 -4.91
C LEU D 912 35.71 -11.14 -5.70
N LYS D 913 36.71 -10.64 -6.39
CA LYS D 913 37.61 -11.51 -7.11
C LYS D 913 38.33 -12.39 -6.14
N TYR D 914 38.83 -11.81 -5.08
CA TYR D 914 39.48 -12.62 -4.06
C TYR D 914 38.58 -13.76 -3.62
N LYS D 915 37.30 -13.48 -3.41
CA LYS D 915 36.38 -14.47 -2.88
C LYS D 915 36.03 -15.53 -3.93
N GLU D 916 35.86 -15.10 -5.19
CA GLU D 916 35.80 -16.05 -6.29
C GLU D 916 36.99 -16.99 -6.26
N GLU D 917 38.15 -16.50 -5.81
CA GLU D 917 39.29 -17.39 -5.58
C GLU D 917 39.11 -18.12 -4.26
N HIS D 918 39.37 -17.47 -3.14
CA HIS D 918 39.55 -18.18 -1.88
C HIS D 918 38.30 -18.27 -1.02
N GLY D 919 37.16 -17.82 -1.51
CA GLY D 919 35.99 -17.73 -0.64
C GLY D 919 36.07 -16.45 0.18
N TYR D 920 35.27 -16.40 1.24
CA TYR D 920 35.19 -15.19 2.03
C TYR D 920 36.53 -14.84 2.66
N ILE D 921 36.94 -13.58 2.48
CA ILE D 921 38.10 -13.02 3.15
C ILE D 921 38.00 -13.36 4.63
N ARG D 922 38.99 -14.04 5.17
CA ARG D 922 38.99 -14.38 6.59
C ARG D 922 39.82 -13.37 7.35
N LYS D 923 39.40 -13.10 8.58
CA LYS D 923 40.15 -12.25 9.48
C LYS D 923 41.50 -12.87 9.76
N TYR D 924 42.50 -12.02 9.97
CA TYR D 924 43.87 -12.52 10.15
C TYR D 924 43.96 -13.39 11.39
N SER D 925 44.61 -14.54 11.24
CA SER D 925 44.96 -15.43 12.34
C SER D 925 46.15 -16.27 11.89
N LYS D 926 46.76 -16.98 12.84
CA LYS D 926 47.96 -17.75 12.55
C LYS D 926 47.66 -19.09 11.90
N LYS D 927 46.53 -19.67 12.27
CA LYS D 927 46.12 -20.95 11.74
C LYS D 927 45.11 -20.99 10.62
N GLY D 928 44.76 -19.85 10.07
CA GLY D 928 43.73 -19.81 9.04
C GLY D 928 42.35 -19.86 9.68
N ASN D 929 42.36 -19.80 10.99
CA ASN D 929 41.25 -19.86 11.92
C ASN D 929 40.20 -18.78 11.99
N GLY D 930 40.53 -17.57 11.56
CA GLY D 930 39.63 -16.46 11.69
C GLY D 930 38.31 -16.45 10.99
N PRO D 931 37.35 -15.68 11.62
CA PRO D 931 36.05 -15.63 10.96
C PRO D 931 36.02 -14.80 9.74
N GLU D 932 34.98 -14.98 8.94
CA GLU D 932 34.80 -14.30 7.69
C GLU D 932 34.52 -12.82 7.83
N ILE D 933 34.72 -12.09 6.76
CA ILE D 933 34.47 -10.68 6.78
C ILE D 933 33.48 -10.24 5.71
N LYS D 934 32.33 -9.72 6.15
CA LYS D 934 31.31 -9.21 5.24
C LYS D 934 31.09 -7.72 5.40
N SER D 935 31.02 -7.23 6.63
CA SER D 935 30.74 -5.83 6.91
C SER D 935 31.96 -5.15 7.51
N LEU D 936 32.03 -3.83 7.31
CA LEU D 936 33.02 -2.98 7.96
C LEU D 936 32.34 -1.70 8.43
N LYS D 937 32.38 -1.48 9.73
CA LYS D 937 31.88 -0.23 10.28
C LYS D 937 32.98 0.82 10.31
N TYR D 938 32.58 2.08 10.28
CA TYR D 938 33.51 3.19 10.16
C TYR D 938 32.93 4.38 10.92
N TYR D 939 33.82 5.19 11.49
CA TYR D 939 33.40 6.47 12.03
C TYR D 939 32.91 7.34 10.89
N ASP D 940 31.68 7.85 11.01
CA ASP D 940 31.05 8.55 9.90
C ASP D 940 31.10 10.05 10.10
N SER D 941 30.22 10.56 10.96
CA SER D 941 30.09 11.98 11.20
C SER D 941 29.88 12.19 12.70
N LYS D 942 30.07 13.43 13.13
CA LYS D 942 29.85 13.75 14.53
C LYS D 942 28.35 13.79 14.82
N LEU D 943 27.99 13.25 15.98
CA LEU D 943 26.60 13.28 16.42
C LEU D 943 26.16 14.73 16.64
N GLY D 944 25.06 15.10 15.98
CA GLY D 944 24.46 16.40 16.20
C GLY D 944 23.05 16.27 16.71
N ASN D 945 22.08 16.70 15.91
CA ASN D 945 20.68 16.56 16.29
C ASN D 945 20.23 15.12 16.15
N HIS D 946 19.51 14.64 17.16
CA HIS D 946 19.18 13.22 17.23
C HIS D 946 17.99 13.02 18.15
N ILE D 947 17.49 11.77 18.15
CA ILE D 947 16.57 11.27 19.17
C ILE D 947 17.29 10.17 19.92
N ASP D 948 17.26 10.23 21.24
CA ASP D 948 18.05 9.32 22.07
C ASP D 948 17.23 8.08 22.40
N ILE D 949 17.68 6.93 21.90
CA ILE D 949 17.03 5.66 22.18
C ILE D 949 18.05 4.73 22.81
N THR D 950 18.80 5.24 23.78
CA THR D 950 19.94 4.50 24.28
C THR D 950 19.50 3.45 25.30
N PRO D 951 19.83 2.19 25.08
CA PRO D 951 19.57 1.18 26.12
C PRO D 951 20.29 1.53 27.40
N LYS D 952 19.63 1.22 28.53
CA LYS D 952 20.31 1.30 29.81
C LYS D 952 21.56 0.43 29.81
N ASP D 953 21.55 -0.64 29.02
CA ASP D 953 22.70 -1.52 28.88
C ASP D 953 23.93 -0.81 28.36
N SER D 954 23.75 0.17 27.49
CA SER D 954 24.76 0.51 26.50
C SER D 954 25.87 1.38 27.07
N ASN D 955 27.09 1.13 26.59
CA ASN D 955 28.24 1.96 26.90
C ASN D 955 28.34 3.17 26.00
N ASN D 956 27.56 3.21 24.91
CA ASN D 956 27.53 4.36 24.03
C ASN D 956 26.09 4.66 23.65
N LYS D 957 25.83 5.92 23.36
CA LYS D 957 24.48 6.34 23.02
C LYS D 957 24.04 5.69 21.71
N VAL D 958 22.76 5.32 21.66
CA VAL D 958 22.12 4.86 20.44
C VAL D 958 21.07 5.91 20.07
N VAL D 959 21.02 6.26 18.79
CA VAL D 959 20.25 7.43 18.36
C VAL D 959 19.49 7.13 17.08
N LEU D 960 18.43 7.92 16.86
CA LEU D 960 17.77 8.07 15.58
C LEU D 960 18.08 9.46 15.06
N GLN D 961 18.23 9.59 13.75
CA GLN D 961 18.64 10.86 13.16
C GLN D 961 17.72 11.23 12.01
N SER D 962 18.01 12.40 11.42
CA SER D 962 17.15 13.04 10.43
C SER D 962 15.75 13.24 10.99
N VAL D 963 15.69 14.06 12.04
CA VAL D 963 14.45 14.32 12.76
C VAL D 963 13.60 15.29 11.96
N SER D 964 12.31 14.98 11.83
CA SER D 964 11.42 15.69 10.93
C SER D 964 10.71 16.82 11.67
N PRO D 965 10.49 17.94 10.99
CA PRO D 965 9.88 19.11 11.63
C PRO D 965 8.36 19.14 11.53
N TRP D 966 7.76 19.76 12.55
CA TRP D 966 6.32 19.99 12.57
C TRP D 966 5.98 21.42 12.16
N ARG D 967 6.51 22.42 12.87
CA ARG D 967 6.13 23.80 12.62
C ARG D 967 7.21 24.72 13.19
N ALA D 968 7.16 25.98 12.75
CA ALA D 968 8.05 27.02 13.25
C ALA D 968 7.22 28.17 13.83
N ASP D 969 7.59 28.60 15.03
CA ASP D 969 6.97 29.75 15.68
C ASP D 969 7.88 30.95 15.48
N VAL D 970 7.35 31.99 14.86
CA VAL D 970 8.12 33.19 14.53
C VAL D 970 7.92 34.23 15.62
N TYR D 971 9.02 34.72 16.17
CA TYR D 971 9.03 35.82 17.11
C TYR D 971 9.81 36.98 16.50
N PHE D 972 9.69 38.13 17.15
CA PHE D 972 10.42 39.34 16.83
C PHE D 972 10.90 39.86 18.18
N ASN D 973 12.03 40.58 18.18
CA ASN D 973 12.59 41.11 19.42
C ASN D 973 12.79 42.60 19.21
N LYS D 974 12.01 43.41 19.92
CA LYS D 974 12.08 44.86 19.82
C LYS D 974 13.49 45.37 20.11
N THR D 975 14.11 44.86 21.18
CA THR D 975 15.44 45.29 21.55
C THR D 975 16.39 45.17 20.37
N THR D 976 16.59 43.95 19.89
CA THR D 976 17.50 43.71 18.77
C THR D 976 16.91 44.12 17.43
N GLY D 977 15.59 44.25 17.35
CA GLY D 977 14.94 44.50 16.08
C GLY D 977 14.79 43.28 15.19
N LYS D 978 15.49 42.19 15.47
CA LYS D 978 15.51 41.06 14.55
C LYS D 978 14.41 40.06 14.90
N TYR D 979 14.18 39.15 13.97
CA TYR D 979 13.24 38.05 14.15
C TYR D 979 13.92 36.87 14.83
N GLU D 980 13.09 36.04 15.47
CA GLU D 980 13.58 34.87 16.21
C GLU D 980 12.62 33.72 15.94
N ILE D 981 13.09 32.71 15.20
CA ILE D 981 12.23 31.64 14.70
C ILE D 981 12.54 30.36 15.47
N LEU D 982 11.53 29.88 16.20
CA LEU D 982 11.64 28.64 16.95
C LEU D 982 11.23 27.47 16.05
N GLY D 983 11.83 26.31 16.31
CA GLY D 983 11.53 25.14 15.51
C GLY D 983 10.97 23.99 16.33
N LEU D 984 9.83 23.46 15.90
CA LEU D 984 9.20 22.33 16.55
C LEU D 984 9.27 21.11 15.64
N LYS D 985 9.54 19.96 16.25
CA LYS D 985 9.62 18.70 15.52
C LYS D 985 8.56 17.73 16.04
N TYR D 986 8.17 16.79 15.19
CA TYR D 986 7.22 15.76 15.61
C TYR D 986 7.66 15.10 16.91
N ALA D 987 8.96 14.88 17.07
CA ALA D 987 9.49 14.19 18.24
C ALA D 987 9.48 15.04 19.50
N ASP D 988 9.22 16.34 19.40
CA ASP D 988 9.12 17.14 20.62
C ASP D 988 7.79 16.93 21.33
N LEU D 989 6.74 16.56 20.59
CA LEU D 989 5.46 16.16 21.17
C LEU D 989 5.49 14.69 21.52
N GLN D 990 4.76 14.33 22.57
CA GLN D 990 4.77 12.97 23.09
C GLN D 990 3.47 12.70 23.83
N PHE D 991 3.25 11.43 24.17
CA PHE D 991 2.09 11.04 24.95
C PHE D 991 2.38 11.28 26.43
N GLU D 992 1.67 12.24 27.01
CA GLU D 992 1.81 12.51 28.44
C GLU D 992 1.38 11.29 29.24
N LYS D 993 2.20 10.91 30.23
CA LYS D 993 2.03 9.64 30.91
C LYS D 993 0.68 9.55 31.62
N GLY D 994 0.49 10.37 32.64
CA GLY D 994 -0.74 10.30 33.41
C GLY D 994 -1.99 10.43 32.56
N THR D 995 -2.01 11.43 31.67
CA THR D 995 -3.21 11.72 30.89
C THR D 995 -3.39 10.76 29.73
N GLY D 996 -2.30 10.37 29.06
CA GLY D 996 -2.41 9.70 27.79
C GLY D 996 -2.59 10.64 26.62
N THR D 997 -2.73 11.93 26.88
CA THR D 997 -2.86 12.96 25.87
C THR D 997 -1.54 13.15 25.13
N TYR D 998 -1.63 13.57 23.87
CA TYR D 998 -0.48 13.78 23.00
C TYR D 998 -0.24 15.28 22.88
N LYS D 999 0.89 15.75 23.38
CA LYS D 999 1.09 17.17 23.64
C LYS D 999 2.57 17.48 23.78
N ILE D 1000 2.87 18.78 23.91
CA ILE D 1000 4.11 19.27 24.49
C ILE D 1000 3.73 20.12 25.69
N SER D 1001 4.53 20.04 26.74
CA SER D 1001 4.28 20.88 27.90
C SER D 1001 4.91 22.26 27.70
N GLN D 1002 4.39 23.23 28.45
CA GLN D 1002 4.97 24.57 28.40
C GLN D 1002 6.43 24.56 28.79
N GLU D 1003 6.78 23.75 29.79
CA GLU D 1003 8.15 23.70 30.29
C GLU D 1003 9.12 23.33 29.18
N LYS D 1004 8.84 22.23 28.46
CA LYS D 1004 9.71 21.83 27.36
C LYS D 1004 9.54 22.74 26.15
N TYR D 1005 8.36 23.34 25.96
CA TYR D 1005 8.24 24.33 24.90
C TYR D 1005 9.09 25.55 25.20
N ASN D 1006 8.94 26.10 26.40
CA ASN D 1006 9.86 27.15 26.85
C ASN D 1006 11.30 26.67 26.81
N ASP D 1007 11.54 25.36 26.96
CA ASP D 1007 12.88 24.86 26.76
C ASP D 1007 13.32 25.18 25.34
N ILE D 1008 12.75 24.51 24.33
CA ILE D 1008 13.08 24.70 22.92
C ILE D 1008 13.22 26.19 22.59
N LYS D 1009 12.49 27.04 23.33
CA LYS D 1009 12.58 28.49 23.14
C LYS D 1009 13.99 29.01 23.41
N LYS D 1010 14.64 28.51 24.46
CA LYS D 1010 15.96 29.03 24.81
C LYS D 1010 17.05 28.45 23.92
N LYS D 1011 16.98 27.15 23.59
CA LYS D 1011 18.01 26.52 22.78
C LYS D 1011 18.02 27.09 21.37
N GLU D 1012 16.88 27.55 20.90
CA GLU D 1012 16.75 28.09 19.55
C GLU D 1012 17.14 29.56 19.48
N GLY D 1013 17.42 30.19 20.61
CA GLY D 1013 17.79 31.58 20.62
C GLY D 1013 16.65 32.56 20.58
N VAL D 1014 15.54 32.24 21.22
CA VAL D 1014 14.37 33.11 21.27
C VAL D 1014 14.30 33.72 22.66
N ASP D 1015 14.38 35.05 22.74
CA ASP D 1015 14.34 35.74 24.01
C ASP D 1015 12.98 35.56 24.67
N SER D 1016 12.99 35.24 25.96
CA SER D 1016 11.74 34.99 26.68
C SER D 1016 10.80 36.19 26.65
N ASP D 1017 11.33 37.40 26.47
CA ASP D 1017 10.50 38.61 26.35
C ASP D 1017 10.38 39.08 24.92
N SER D 1018 10.21 38.13 24.00
CA SER D 1018 9.87 38.43 22.62
C SER D 1018 8.42 38.02 22.40
N GLU D 1019 7.79 38.60 21.38
CA GLU D 1019 6.37 38.35 21.16
C GLU D 1019 6.20 37.35 20.04
N PHE D 1020 5.38 36.34 20.30
CA PHE D 1020 4.94 35.45 19.25
C PHE D 1020 4.02 36.19 18.29
N LYS D 1021 3.98 35.72 17.06
CA LYS D 1021 3.51 36.55 15.97
C LYS D 1021 2.65 35.72 15.03
N PHE D 1022 3.28 34.70 14.47
CA PHE D 1022 2.56 33.68 13.74
C PHE D 1022 3.39 32.41 13.70
N THR D 1023 2.68 31.29 13.76
CA THR D 1023 3.25 29.97 13.53
C THR D 1023 3.27 29.71 12.03
N LEU D 1024 4.28 28.98 11.59
CA LEU D 1024 4.41 28.58 10.20
C LEU D 1024 4.34 27.06 10.09
N TYR D 1025 3.41 26.58 9.28
CA TYR D 1025 3.31 25.17 8.96
C TYR D 1025 3.73 24.94 7.52
N LYS D 1026 3.91 23.67 7.18
CA LYS D 1026 4.30 23.29 5.84
C LYS D 1026 3.36 23.88 4.80
N ASN D 1027 3.93 24.60 3.84
CA ASN D 1027 3.25 25.19 2.69
C ASN D 1027 2.40 26.41 3.04
N ASP D 1028 2.51 26.94 4.26
CA ASP D 1028 2.13 28.31 4.48
C ASP D 1028 2.98 29.22 3.59
N LEU D 1029 2.40 30.32 3.13
CA LEU D 1029 3.12 31.27 2.31
C LEU D 1029 3.56 32.46 3.15
N LEU D 1030 4.70 33.04 2.77
CA LEU D 1030 5.28 34.18 3.47
C LEU D 1030 5.73 35.24 2.49
N LEU D 1031 5.53 36.48 2.85
CA LEU D 1031 6.16 37.60 2.17
C LEU D 1031 7.37 38.04 2.97
N VAL D 1032 8.52 38.13 2.31
CA VAL D 1032 9.75 38.56 2.95
C VAL D 1032 10.11 39.90 2.34
N LYS D 1033 9.89 40.97 3.10
CA LYS D 1033 10.08 42.33 2.63
C LYS D 1033 11.43 42.85 3.08
N ASP D 1034 12.15 43.48 2.15
CA ASP D 1034 13.42 44.10 2.48
C ASP D 1034 13.18 45.53 2.96
N THR D 1035 13.80 45.88 4.09
CA THR D 1035 13.66 47.24 4.60
C THR D 1035 14.65 48.20 3.95
N GLU D 1036 15.88 47.74 3.68
CA GLU D 1036 16.89 48.59 3.06
C GLU D 1036 16.45 49.06 1.68
N THR D 1037 16.15 48.13 0.77
CA THR D 1037 15.56 48.43 -0.51
C THR D 1037 14.04 48.42 -0.36
N LYS D 1038 13.34 48.59 -1.47
CA LYS D 1038 11.90 48.41 -1.48
C LYS D 1038 11.50 46.95 -1.75
N GLU D 1039 12.49 46.09 -1.98
CA GLU D 1039 12.22 44.75 -2.50
C GLU D 1039 11.45 43.90 -1.50
N GLN D 1040 10.59 43.05 -2.04
CA GLN D 1040 9.92 42.02 -1.27
C GLN D 1040 9.74 40.81 -2.17
N GLN D 1041 9.52 39.66 -1.54
CA GLN D 1041 9.32 38.44 -2.31
C GLN D 1041 8.45 37.49 -1.49
N LEU D 1042 7.67 36.68 -2.20
CA LEU D 1042 6.72 35.76 -1.60
C LEU D 1042 7.22 34.34 -1.79
N PHE D 1043 7.40 33.62 -0.68
CA PHE D 1043 7.81 32.23 -0.69
C PHE D 1043 6.76 31.40 0.01
N ARG D 1044 6.92 30.08 -0.06
CA ARG D 1044 6.18 29.19 0.82
C ARG D 1044 7.14 28.45 1.75
N PHE D 1045 6.64 28.19 2.95
CA PHE D 1045 7.45 27.66 4.02
C PHE D 1045 7.58 26.15 3.89
N LEU D 1046 8.78 25.64 4.17
CA LEU D 1046 8.97 24.22 4.38
C LEU D 1046 9.24 23.92 5.85
N SER D 1047 10.33 24.41 6.40
CA SER D 1047 10.63 24.14 7.79
C SER D 1047 11.69 25.03 8.36
N ARG D 1048 12.00 24.81 9.61
CA ARG D 1048 13.04 25.48 10.30
C ARG D 1048 14.15 24.46 10.10
N THR D 1049 15.22 24.86 9.43
CA THR D 1049 16.29 23.97 9.06
C THR D 1049 17.62 24.23 9.77
N MET D 1050 18.45 23.19 9.91
CA MET D 1050 19.79 23.31 10.54
C MET D 1050 19.81 23.82 11.98
N PRO D 1051 19.49 22.98 12.97
CA PRO D 1051 19.39 23.51 14.33
C PRO D 1051 20.54 24.35 14.83
N LYS D 1052 21.77 24.06 14.49
CA LYS D 1052 22.91 24.83 14.93
C LYS D 1052 22.87 26.28 14.52
N GLN D 1053 22.35 26.56 13.35
CA GLN D 1053 22.26 27.92 12.80
C GLN D 1053 20.90 28.49 13.15
N LYS D 1054 20.85 29.37 14.15
CA LYS D 1054 19.58 29.86 14.67
C LYS D 1054 18.82 30.66 13.62
N HIS D 1055 17.49 30.56 13.69
CA HIS D 1055 16.58 31.34 12.84
C HIS D 1055 16.82 31.07 11.36
N TYR D 1056 17.30 29.87 11.05
CA TYR D 1056 17.51 29.44 9.68
C TYR D 1056 16.31 28.64 9.23
N VAL D 1057 15.76 28.98 8.07
CA VAL D 1057 14.59 28.31 7.53
C VAL D 1057 14.86 27.94 6.08
N GLU D 1058 14.16 26.92 5.61
CA GLU D 1058 14.21 26.56 4.21
C GLU D 1058 12.89 26.90 3.55
N LEU D 1059 12.97 27.45 2.35
CA LEU D 1059 11.81 27.98 1.65
C LEU D 1059 11.67 27.27 0.30
N LYS D 1060 10.45 27.21 -0.19
CA LYS D 1060 10.23 26.65 -1.52
C LYS D 1060 9.51 27.70 -2.36
N PRO D 1061 9.51 27.57 -3.68
CA PRO D 1061 8.97 28.64 -4.52
C PRO D 1061 7.46 28.77 -4.36
N TYR D 1062 6.97 29.96 -4.75
CA TYR D 1062 5.54 30.24 -4.70
C TYR D 1062 4.80 29.64 -5.89
N ASP D 1063 5.44 29.55 -7.04
CA ASP D 1063 4.78 29.20 -8.29
C ASP D 1063 5.12 27.81 -8.80
N LYS D 1064 6.03 27.08 -8.16
CA LYS D 1064 6.43 25.78 -8.67
C LYS D 1064 6.84 24.89 -7.50
N GLN D 1065 7.22 23.66 -7.83
CA GLN D 1065 7.53 22.67 -6.80
C GLN D 1065 8.87 22.96 -6.15
N LYS D 1066 9.93 23.11 -6.94
CA LYS D 1066 11.27 23.25 -6.38
C LYS D 1066 12.03 24.36 -7.10
N PHE D 1067 12.99 24.94 -6.39
CA PHE D 1067 13.98 25.80 -7.02
C PHE D 1067 14.95 24.95 -7.84
N GLU D 1068 15.35 25.45 -9.00
CA GLU D 1068 16.43 24.80 -9.73
C GLU D 1068 17.76 25.00 -9.02
N GLY D 1069 18.02 26.22 -8.56
CA GLY D 1069 19.29 26.57 -7.95
C GLY D 1069 19.85 27.84 -8.55
N GLY D 1070 20.34 28.75 -7.70
CA GLY D 1070 20.89 29.99 -8.18
C GLY D 1070 19.89 31.05 -8.58
N GLU D 1071 18.61 30.86 -8.29
CA GLU D 1071 17.62 31.86 -8.65
C GLU D 1071 17.86 33.15 -7.87
N ALA D 1072 17.62 34.27 -8.55
CA ALA D 1072 17.81 35.57 -7.91
C ALA D 1072 16.71 35.82 -6.89
N LEU D 1073 17.10 36.25 -5.71
CA LEU D 1073 16.17 36.67 -4.66
C LEU D 1073 16.48 38.12 -4.29
N ILE D 1074 15.80 38.61 -3.25
CA ILE D 1074 16.01 39.97 -2.81
C ILE D 1074 17.42 40.12 -2.25
N LYS D 1075 17.97 41.34 -2.40
CA LYS D 1075 19.35 41.63 -2.03
C LYS D 1075 19.79 41.00 -0.73
N VAL D 1076 18.96 41.12 0.31
CA VAL D 1076 19.35 40.71 1.65
C VAL D 1076 19.45 39.19 1.76
N LEU D 1077 18.66 38.46 0.97
CA LEU D 1077 18.72 37.01 1.01
C LEU D 1077 19.70 36.43 0.01
N GLY D 1078 20.04 37.14 -1.05
CA GLY D 1078 20.96 36.64 -2.05
C GLY D 1078 20.38 35.49 -2.85
N ASN D 1079 21.14 35.00 -3.83
CA ASN D 1079 20.66 33.92 -4.67
C ASN D 1079 20.48 32.65 -3.85
N VAL D 1080 19.48 31.85 -4.22
CA VAL D 1080 19.31 30.54 -3.59
C VAL D 1080 20.48 29.66 -3.98
N ALA D 1081 20.91 28.81 -3.05
CA ALA D 1081 22.08 27.96 -3.25
C ALA D 1081 21.99 27.20 -4.57
N ASN D 1082 23.12 27.14 -5.28
CA ASN D 1082 23.15 26.44 -6.56
C ASN D 1082 22.84 24.96 -6.42
N SER D 1083 22.94 24.41 -5.21
CA SER D 1083 22.56 23.02 -4.98
C SER D 1083 21.07 22.80 -5.27
N GLY D 1084 20.25 23.79 -4.94
CA GLY D 1084 18.82 23.72 -5.21
C GLY D 1084 17.96 24.03 -4.01
N GLN D 1085 18.49 23.78 -2.82
CA GLN D 1085 17.76 24.02 -1.58
C GLN D 1085 17.94 25.46 -1.11
N CYS D 1086 16.81 26.15 -0.94
CA CYS D 1086 16.84 27.55 -0.49
C CYS D 1086 16.82 27.56 1.03
N LYS D 1087 18.01 27.68 1.62
CA LYS D 1087 18.18 27.74 3.06
C LYS D 1087 18.75 29.11 3.40
N LYS D 1088 17.99 29.90 4.14
CA LYS D 1088 18.41 31.24 4.49
C LYS D 1088 18.07 31.53 5.94
N GLY D 1089 18.90 32.30 6.62
CA GLY D 1089 18.64 32.67 7.99
C GLY D 1089 17.80 33.92 8.01
N LEU D 1090 16.72 33.89 8.74
CA LEU D 1090 15.83 35.01 8.79
C LEU D 1090 15.93 35.82 10.05
N GLY D 1091 17.03 35.67 10.78
CA GLY D 1091 17.23 36.39 12.01
C GLY D 1091 18.11 37.62 11.83
N LYS D 1092 17.97 38.28 10.68
CA LYS D 1092 18.76 39.47 10.38
C LYS D 1092 18.13 40.72 10.99
N SER D 1093 18.73 41.86 10.69
CA SER D 1093 18.19 43.11 11.19
C SER D 1093 17.26 43.87 10.25
N ASN D 1094 17.53 43.87 8.96
CA ASN D 1094 16.71 44.64 8.04
C ASN D 1094 15.80 43.82 7.16
N ILE D 1095 14.75 43.25 7.74
CA ILE D 1095 13.90 42.38 6.96
C ILE D 1095 12.52 42.19 7.55
N SER D 1096 11.48 42.30 6.73
CA SER D 1096 10.13 42.12 7.25
C SER D 1096 9.52 40.89 6.65
N ILE D 1097 8.93 40.06 7.49
CA ILE D 1097 8.30 38.82 7.06
C ILE D 1097 6.89 38.77 7.61
N TYR D 1098 5.93 38.47 6.74
CA TYR D 1098 4.53 38.31 7.12
C TYR D 1098 4.02 36.95 6.65
N LYS D 1099 3.18 36.34 7.48
CA LYS D 1099 2.46 35.15 7.07
C LYS D 1099 1.34 35.53 6.11
N VAL D 1100 1.07 34.65 5.14
CA VAL D 1100 0.05 34.87 4.13
C VAL D 1100 -0.83 33.65 4.05
N ARG D 1101 -2.13 33.88 4.02
CA ARG D 1101 -3.10 32.84 3.86
C ARG D 1101 -3.78 33.04 2.56
N THR D 1102 -4.26 31.95 2.00
CA THR D 1102 -5.09 32.02 0.81
C THR D 1102 -6.35 31.21 1.02
N ASP D 1103 -7.44 31.66 0.42
CA ASP D 1103 -8.54 30.72 0.22
C ASP D 1103 -8.17 29.78 -0.92
N VAL D 1104 -8.97 28.73 -1.10
CA VAL D 1104 -8.64 27.70 -2.08
C VAL D 1104 -8.72 28.26 -3.50
N LEU D 1105 -9.03 29.54 -3.63
CA LEU D 1105 -9.05 30.20 -4.92
C LEU D 1105 -7.80 30.99 -5.24
N GLY D 1106 -6.89 31.13 -4.29
CA GLY D 1106 -5.68 31.90 -4.51
C GLY D 1106 -5.75 33.36 -4.14
N ASN D 1107 -6.83 33.78 -3.48
CA ASN D 1107 -6.91 35.14 -2.96
C ASN D 1107 -6.14 35.21 -1.65
N GLN D 1108 -5.06 35.99 -1.64
CA GLN D 1108 -4.18 36.05 -0.48
C GLN D 1108 -4.45 37.33 0.31
N HIS D 1109 -4.18 37.21 1.60
CA HIS D 1109 -4.26 38.32 2.48
C HIS D 1109 -3.16 38.19 3.49
N ILE D 1110 -2.49 39.30 3.75
CA ILE D 1110 -1.39 39.33 4.67
C ILE D 1110 -1.86 39.16 6.08
N ILE D 1111 -1.07 38.49 6.88
CA ILE D 1111 -1.40 38.24 8.26
C ILE D 1111 -0.21 38.57 9.10
N LYS D 1112 -0.04 39.83 9.38
CA LYS D 1112 1.07 40.33 10.19
C LYS D 1112 1.14 39.84 11.63
N ASN D 1113 0.02 39.67 12.32
CA ASN D 1113 0.05 39.13 13.68
C ASN D 1113 -1.09 38.18 13.84
N GLU D 1114 -0.86 37.06 14.50
CA GLU D 1114 -1.88 36.05 14.71
C GLU D 1114 -2.45 36.02 16.10
N GLY D 1115 -1.58 36.07 17.08
CA GLY D 1115 -2.02 35.97 18.44
C GLY D 1115 -0.98 36.42 19.44
N ASP D 1116 -1.39 36.49 20.68
CA ASP D 1116 -0.49 36.85 21.73
C ASP D 1116 0.52 35.78 22.05
N LYS D 1117 0.02 34.56 22.07
CA LYS D 1117 0.79 33.39 22.47
C LYS D 1117 0.68 32.31 21.41
N PRO D 1118 1.68 31.44 21.32
CA PRO D 1118 1.58 30.30 20.40
C PRO D 1118 0.45 29.38 20.79
N LYS D 1119 -0.16 28.75 19.78
CA LYS D 1119 -1.29 27.87 20.00
C LYS D 1119 -0.79 26.49 20.37
N LEU D 1120 -1.21 25.99 21.54
CA LEU D 1120 -0.73 24.71 22.07
C LEU D 1120 -1.88 23.96 22.75
N ASP D 1121 -3.02 23.91 22.07
CA ASP D 1121 -4.20 23.25 22.61
C ASP D 1121 -4.25 21.80 22.15
N PHE D 1122 -4.36 20.88 23.10
CA PHE D 1122 -4.35 19.46 22.78
C PHE D 1122 -5.46 18.71 23.51
#